data_4CMI
#
_entry.id   4CMI
#
_cell.length_a   74.462
_cell.length_b   90.258
_cell.length_c   82.086
_cell.angle_alpha   90.00
_cell.angle_beta   115.59
_cell.angle_gamma   90.00
#
_symmetry.space_group_name_H-M   'P 1 21 1'
#
loop_
_entity.id
_entity.type
_entity.pdbx_description
1 polymer 'PTERIDINE REDUCTASE 1'
2 polymer 'PTERIDINE REDUCTASE 1'
3 non-polymer 'NADP NICOTINAMIDE-ADENINE-DINUCLEOTIDE PHOSPHATE'
4 non-polymer 2-amino-6-(4-bromophenyl)-5-phenyl-3H-pyrrolo[2,3-d]pyrimidin-4(7H)-one
5 non-polymer 'ACETATE ION'
6 water water
#
loop_
_entity_poly.entity_id
_entity_poly.type
_entity_poly.pdbx_seq_one_letter_code
_entity_poly.pdbx_strand_id
1 'polypeptide(L)'
;MGSSHHHHHHSSGLVPRGSHMEAPAAVVTGAAKRIGRAIAVKLHQTGYRVVIHYHNSAEAAVSLADELNKERSNTAVVCQ
ADLTNSNVLPASCEEIINSCFRAFGRCDVLVNNASAFYPTPLVQGDHEDNSNGKTVETQVAELIGTNAIAPFLLTMSFAQ
RQKGTNPNCTSSNLSIVNLCDAMVDQP(CSX)MAFSLYNMGKHALVGLTQSAALELAPYGIRVNGVAPGVSLLPVAMGEE
EKDKWRRKVPLGRREASAEQIADAVIFLVSGSAQYITGSIIKVDGGLSLVHA
;
A,D
2 'polypeptide(L)'
;MGSSHHHHHHSSGLVPRGSHMEAPAAVVTGAAKRIGRAIAVKLHQTGYRVVIHYHNSAEAAVSLADELNKERSNTAVVCQ
ADLTNSNVLPASCEEIINSCFRAFGRCDVLVNNASAFYPTPLVQGDHEDNSNGKTVETQVAELIGTNAIAPFLLTMSFAQ
RQKGTNPNCTSSNLSIVNLCDAMVDQPCMAFSLYNMGKHALVGLTQSAALELAPYGIRVNGVAPGVSLLPVAMGEEEKDK
WRRKVPLGRREASAEQIADAVIFLVSGSAQYITGSIIKVDGGLSLVHA
;
B,C
#
loop_
_chem_comp.id
_chem_comp.type
_chem_comp.name
_chem_comp.formula
ACT non-polymer 'ACETATE ION' 'C2 H3 O2 -1'
M4V non-polymer 2-amino-6-(4-bromophenyl)-5-phenyl-3H-pyrrolo[2,3-d]pyrimidin-4(7H)-one 'C18 H13 Br N4 O'
NAP non-polymer 'NADP NICOTINAMIDE-ADENINE-DINUCLEOTIDE PHOSPHATE' 'C21 H28 N7 O17 P3'
#
# COMPACT_ATOMS: atom_id res chain seq x y z
N GLU A 22 4.47 26.64 -31.21
CA GLU A 22 3.30 25.80 -31.59
C GLU A 22 2.74 25.07 -30.36
N ALA A 23 1.42 24.89 -30.34
CA ALA A 23 0.71 24.52 -29.14
C ALA A 23 0.72 23.00 -28.97
N PRO A 24 0.92 22.51 -27.73
CA PRO A 24 0.86 21.08 -27.53
C PRO A 24 -0.55 20.55 -27.78
N ALA A 25 -0.66 19.23 -27.92
CA ALA A 25 -1.96 18.60 -28.17
C ALA A 25 -2.16 17.44 -27.22
N ALA A 26 -3.42 17.22 -26.86
CA ALA A 26 -3.78 16.20 -25.89
C ALA A 26 -5.00 15.43 -26.37
N VAL A 27 -5.02 14.14 -26.04
CA VAL A 27 -6.18 13.28 -26.22
C VAL A 27 -6.82 13.02 -24.83
N VAL A 28 -8.12 13.26 -24.70
CA VAL A 28 -8.86 12.95 -23.49
C VAL A 28 -9.96 12.00 -23.88
N THR A 29 -9.98 10.81 -23.27
CA THR A 29 -11.01 9.80 -23.61
C THR A 29 -12.22 10.09 -22.77
N GLY A 30 -13.38 9.75 -23.29
CA GLY A 30 -14.66 10.02 -22.58
C GLY A 30 -14.85 11.47 -22.19
N ALA A 31 -14.53 12.37 -23.10
CA ALA A 31 -14.40 13.80 -22.78
C ALA A 31 -15.63 14.66 -23.09
N ALA A 32 -16.73 14.04 -23.46
CA ALA A 32 -17.94 14.79 -23.83
C ALA A 32 -18.54 15.48 -22.66
N LYS A 33 -18.37 14.91 -21.48
CA LYS A 33 -19.09 15.44 -20.34
C LYS A 33 -18.37 15.13 -19.04
N ARG A 34 -18.92 15.67 -17.95
CA ARG A 34 -18.48 15.37 -16.60
C ARG A 34 -16.95 15.57 -16.44
N ILE A 35 -16.24 14.62 -15.83
CA ILE A 35 -14.85 14.85 -15.50
C ILE A 35 -13.97 14.93 -16.74
N GLY A 36 -14.23 14.11 -17.77
CA GLY A 36 -13.37 14.21 -18.97
C GLY A 36 -13.51 15.55 -19.69
N ARG A 37 -14.73 16.08 -19.70
CA ARG A 37 -14.96 17.42 -20.26
C ARG A 37 -14.20 18.48 -19.47
N ALA A 38 -14.22 18.37 -18.15
CA ALA A 38 -13.55 19.37 -17.30
C ALA A 38 -12.06 19.32 -17.56
N ILE A 39 -11.54 18.11 -17.82
CA ILE A 39 -10.14 17.95 -18.13
C ILE A 39 -9.76 18.60 -19.49
N ALA A 40 -10.54 18.29 -20.52
CA ALA A 40 -10.37 18.85 -21.84
C ALA A 40 -10.39 20.38 -21.79
N VAL A 41 -11.37 20.92 -21.08
CA VAL A 41 -11.53 22.35 -20.94
C VAL A 41 -10.33 22.99 -20.26
N LYS A 42 -9.87 22.39 -19.18
CA LYS A 42 -8.74 22.96 -18.48
C LYS A 42 -7.44 22.83 -19.31
N LEU A 43 -7.27 21.70 -19.99
CA LEU A 43 -6.10 21.56 -20.85
C LEU A 43 -6.14 22.66 -21.94
N HIS A 44 -7.33 22.85 -22.50
CA HIS A 44 -7.53 23.87 -23.51
C HIS A 44 -7.24 25.28 -22.99
N GLN A 45 -7.74 25.60 -21.80
CA GLN A 45 -7.44 26.89 -21.14
C GLN A 45 -5.96 27.12 -20.91
N THR A 46 -5.22 26.02 -20.77
CA THR A 46 -3.81 26.06 -20.46
C THR A 46 -3.03 26.16 -21.75
N GLY A 47 -3.73 26.06 -22.88
CA GLY A 47 -3.13 26.26 -24.19
C GLY A 47 -2.98 25.03 -25.06
N TYR A 48 -3.50 23.88 -24.61
CA TYR A 48 -3.51 22.67 -25.43
C TYR A 48 -4.58 22.71 -26.52
N ARG A 49 -4.27 22.09 -27.67
CA ARG A 49 -5.31 21.66 -28.59
C ARG A 49 -5.75 20.28 -28.11
N VAL A 50 -7.03 19.94 -28.29
CA VAL A 50 -7.59 18.75 -27.65
C VAL A 50 -8.38 17.89 -28.63
N VAL A 51 -8.21 16.58 -28.51
CA VAL A 51 -9.07 15.59 -29.13
C VAL A 51 -10.08 15.12 -28.09
N ILE A 52 -11.34 15.40 -28.36
CA ILE A 52 -12.42 15.04 -27.49
C ILE A 52 -12.96 13.71 -27.96
N HIS A 53 -12.49 12.62 -27.33
CA HIS A 53 -13.03 11.29 -27.64
C HIS A 53 -14.36 11.08 -26.92
N TYR A 54 -15.27 10.41 -27.60
CA TYR A 54 -16.56 10.06 -27.06
C TYR A 54 -16.96 8.73 -27.67
N HIS A 55 -17.98 8.15 -27.08
CA HIS A 55 -18.54 6.89 -27.55
C HIS A 55 -20.00 7.16 -27.98
N ASN A 56 -20.91 7.36 -27.06
CA ASN A 56 -22.31 7.61 -27.41
C ASN A 56 -22.70 9.07 -27.41
N SER A 57 -21.99 9.92 -26.66
CA SER A 57 -22.47 11.31 -26.38
C SER A 57 -21.97 12.22 -27.48
N ALA A 58 -22.44 11.97 -28.70
CA ALA A 58 -22.03 12.79 -29.85
C ALA A 58 -22.43 14.26 -29.71
N GLU A 59 -23.63 14.49 -29.23
CA GLU A 59 -24.17 15.84 -29.23
C GLU A 59 -23.33 16.67 -28.26
N ALA A 60 -23.06 16.09 -27.11
CA ALA A 60 -22.31 16.77 -26.06
C ALA A 60 -20.89 17.04 -26.52
N ALA A 61 -20.34 16.07 -27.25
CA ALA A 61 -18.97 16.14 -27.72
C ALA A 61 -18.78 17.29 -28.68
N VAL A 62 -19.67 17.40 -29.65
CA VAL A 62 -19.51 18.45 -30.66
C VAL A 62 -19.89 19.78 -30.08
N SER A 63 -20.83 19.79 -29.14
CA SER A 63 -21.13 21.04 -28.46
C SER A 63 -19.89 21.57 -27.73
N LEU A 64 -19.16 20.67 -27.04
CA LEU A 64 -17.91 21.06 -26.39
C LEU A 64 -16.89 21.54 -27.40
N ALA A 65 -16.68 20.81 -28.50
CA ALA A 65 -15.61 21.19 -29.41
C ALA A 65 -15.95 22.56 -30.02
N ASP A 66 -17.24 22.80 -30.24
CA ASP A 66 -17.73 24.10 -30.79
C ASP A 66 -17.30 25.26 -29.88
N GLU A 67 -17.66 25.17 -28.59
CA GLU A 67 -17.25 26.16 -27.60
C GLU A 67 -15.74 26.38 -27.64
N LEU A 68 -14.99 25.30 -27.67
CA LEU A 68 -13.55 25.45 -27.62
C LEU A 68 -13.03 26.15 -28.87
N ASN A 69 -13.56 25.76 -30.02
CA ASN A 69 -13.10 26.30 -31.32
C ASN A 69 -13.49 27.77 -31.51
N LYS A 70 -14.57 28.17 -30.85
CA LYS A 70 -15.00 29.55 -30.83
C LYS A 70 -14.05 30.35 -30.01
N GLU A 71 -13.48 29.72 -28.99
CA GLU A 71 -12.47 30.37 -28.19
C GLU A 71 -11.16 30.53 -28.97
N ARG A 72 -10.67 29.46 -29.57
CA ARG A 72 -9.47 29.55 -30.40
C ARG A 72 -9.77 28.67 -31.51
N SER A 73 -9.75 29.19 -32.74
CA SER A 73 -10.26 28.34 -33.80
C SER A 73 -9.25 27.25 -34.20
N ASN A 74 -9.80 26.13 -34.69
CA ASN A 74 -9.03 24.95 -35.04
C ASN A 74 -8.15 24.34 -33.92
N THR A 75 -8.70 24.33 -32.73
CA THR A 75 -7.98 23.76 -31.55
C THR A 75 -8.70 22.60 -30.86
N ALA A 76 -9.86 22.20 -31.36
CA ALA A 76 -10.54 21.03 -30.82
C ALA A 76 -11.19 20.19 -31.91
N VAL A 77 -11.01 18.86 -31.86
CA VAL A 77 -11.78 17.93 -32.73
C VAL A 77 -12.34 16.77 -31.92
N VAL A 78 -13.48 16.22 -32.35
CA VAL A 78 -14.05 15.03 -31.74
C VAL A 78 -13.56 13.74 -32.42
N CYS A 79 -13.66 12.62 -31.74
CA CYS A 79 -13.15 11.36 -32.27
C CYS A 79 -13.91 10.25 -31.61
N GLN A 80 -14.71 9.54 -32.42
CA GLN A 80 -15.63 8.52 -31.90
C GLN A 80 -14.93 7.19 -31.87
N ALA A 81 -15.15 6.46 -30.76
CA ALA A 81 -14.68 5.07 -30.65
C ALA A 81 -15.29 4.34 -29.47
N ASP A 82 -15.61 3.07 -29.70
CA ASP A 82 -15.97 2.13 -28.69
C ASP A 82 -14.70 1.58 -28.06
N LEU A 83 -14.59 1.62 -26.73
CA LEU A 83 -13.41 1.13 -26.03
C LEU A 83 -13.63 -0.18 -25.34
N THR A 84 -14.74 -0.84 -25.63
CA THR A 84 -14.99 -2.22 -25.22
C THR A 84 -13.91 -3.10 -25.76
N ASN A 85 -13.49 -4.12 -25.00
CA ASN A 85 -12.45 -5.03 -25.50
C ASN A 85 -13.01 -5.84 -26.68
N SER A 86 -12.20 -6.02 -27.71
CA SER A 86 -12.50 -6.85 -28.87
C SER A 86 -11.20 -7.02 -29.60
N ASN A 87 -11.21 -7.84 -30.65
CA ASN A 87 -10.02 -8.00 -31.48
C ASN A 87 -9.68 -6.78 -32.33
N VAL A 88 -10.59 -5.83 -32.50
CA VAL A 88 -10.25 -4.59 -33.22
C VAL A 88 -9.90 -3.43 -32.29
N LEU A 89 -9.95 -3.67 -30.98
CA LEU A 89 -9.73 -2.59 -30.07
C LEU A 89 -8.35 -2.01 -30.34
N PRO A 90 -7.35 -2.85 -30.63
CA PRO A 90 -6.03 -2.17 -30.83
C PRO A 90 -6.00 -1.15 -31.98
N ALA A 91 -6.68 -1.49 -33.07
CA ALA A 91 -6.84 -0.62 -34.25
C ALA A 91 -7.57 0.65 -33.90
N SER A 92 -8.64 0.49 -33.14
CA SER A 92 -9.39 1.62 -32.66
C SER A 92 -8.56 2.57 -31.79
N CYS A 93 -7.71 2.00 -30.93
CA CYS A 93 -6.89 2.87 -30.06
C CYS A 93 -5.80 3.53 -30.88
N GLU A 94 -5.25 2.80 -31.85
CA GLU A 94 -4.27 3.38 -32.76
C GLU A 94 -4.86 4.59 -33.51
N GLU A 95 -6.10 4.44 -33.95
CA GLU A 95 -6.75 5.47 -34.73
C GLU A 95 -7.03 6.72 -33.87
N ILE A 96 -7.33 6.57 -32.58
CA ILE A 96 -7.52 7.73 -31.67
C ILE A 96 -6.24 8.55 -31.61
N ILE A 97 -5.13 7.87 -31.42
CA ILE A 97 -3.86 8.55 -31.42
C ILE A 97 -3.61 9.14 -32.83
N ASN A 98 -3.85 8.35 -33.89
CA ASN A 98 -3.66 8.86 -35.27
C ASN A 98 -4.44 10.11 -35.49
N SER A 99 -5.66 10.15 -34.95
CA SER A 99 -6.53 11.31 -35.10
C SER A 99 -5.90 12.58 -34.53
N CYS A 100 -5.13 12.46 -33.44
CA CYS A 100 -4.51 13.65 -32.81
C CYS A 100 -3.41 14.18 -33.71
N PHE A 101 -2.55 13.26 -34.17
CA PHE A 101 -1.58 13.61 -35.21
C PHE A 101 -2.23 14.18 -36.49
N ARG A 102 -3.39 13.67 -36.92
CA ARG A 102 -3.95 14.18 -38.18
C ARG A 102 -4.40 15.62 -38.02
N ALA A 103 -4.99 15.92 -36.86
CA ALA A 103 -5.55 17.22 -36.63
C ALA A 103 -4.47 18.22 -36.28
N PHE A 104 -3.46 17.81 -35.49
CA PHE A 104 -2.57 18.78 -34.81
C PHE A 104 -1.10 18.56 -35.03
N GLY A 105 -0.73 17.49 -35.70
CA GLY A 105 0.70 17.25 -36.02
C GLY A 105 1.55 16.80 -34.87
N ARG A 106 0.92 16.45 -33.75
CA ARG A 106 1.63 15.96 -32.57
C ARG A 106 0.62 15.43 -31.55
N CYS A 107 1.11 14.66 -30.60
CA CYS A 107 0.30 14.24 -29.45
C CYS A 107 1.20 14.23 -28.17
N ASP A 108 1.01 15.22 -27.32
CA ASP A 108 1.89 15.43 -26.14
C ASP A 108 1.42 14.73 -24.89
N VAL A 109 0.09 14.70 -24.73
CA VAL A 109 -0.59 14.22 -23.53
C VAL A 109 -1.74 13.26 -23.91
N LEU A 110 -1.86 12.15 -23.17
CA LEU A 110 -3.02 11.27 -23.22
C LEU A 110 -3.65 11.22 -21.84
N VAL A 111 -4.96 11.42 -21.73
CA VAL A 111 -5.66 11.27 -20.50
C VAL A 111 -6.67 10.11 -20.67
N ASN A 112 -6.50 9.03 -19.90
CA ASN A 112 -7.36 7.89 -19.96
C ASN A 112 -8.42 8.05 -18.89
N ASN A 113 -9.54 8.63 -19.32
CA ASN A 113 -10.67 8.92 -18.48
C ASN A 113 -11.89 8.07 -18.66
N ALA A 114 -12.13 7.64 -19.91
CA ALA A 114 -13.32 6.84 -20.26
C ALA A 114 -13.43 5.58 -19.39
N SER A 115 -14.64 5.26 -18.95
CA SER A 115 -14.85 4.17 -17.98
C SER A 115 -16.30 3.73 -17.97
N ALA A 116 -16.51 2.42 -18.14
CA ALA A 116 -17.80 1.83 -17.80
C ALA A 116 -17.82 1.53 -16.32
N PHE A 117 -19.00 1.69 -15.70
CA PHE A 117 -19.15 1.56 -14.26
C PHE A 117 -20.56 1.04 -13.99
N TYR A 118 -20.69 -0.21 -13.60
CA TYR A 118 -21.96 -0.74 -13.18
C TYR A 118 -21.70 -2.04 -12.42
N PRO A 119 -22.70 -2.53 -11.66
CA PRO A 119 -22.46 -3.73 -10.88
C PRO A 119 -22.33 -5.05 -11.68
N THR A 120 -21.55 -5.97 -11.16
CA THR A 120 -21.45 -7.33 -11.69
C THR A 120 -21.47 -8.35 -10.54
N PRO A 121 -22.66 -8.62 -9.97
CA PRO A 121 -22.74 -9.48 -8.78
C PRO A 121 -22.16 -10.85 -9.00
N LEU A 122 -21.32 -11.32 -8.07
CA LEU A 122 -20.79 -12.69 -8.14
C LEU A 122 -21.85 -13.80 -8.04
N VAL A 123 -22.94 -13.54 -7.28
CA VAL A 123 -24.03 -14.54 -7.08
C VAL A 123 -25.34 -14.06 -7.69
N GLY A 133 -30.34 -8.50 -19.40
CA GLY A 133 -29.41 -7.62 -20.10
C GLY A 133 -28.14 -8.33 -20.55
N LYS A 134 -27.00 -7.78 -20.16
CA LYS A 134 -25.73 -8.12 -20.77
C LYS A 134 -25.22 -9.50 -20.39
N THR A 135 -24.54 -10.17 -21.32
CA THR A 135 -23.87 -11.43 -21.03
C THR A 135 -22.63 -11.12 -20.17
N VAL A 136 -22.17 -12.07 -19.37
CA VAL A 136 -20.92 -11.86 -18.61
C VAL A 136 -19.74 -11.53 -19.53
N GLU A 137 -19.72 -12.14 -20.73
CA GLU A 137 -18.66 -11.88 -21.72
C GLU A 137 -18.66 -10.41 -22.07
N THR A 138 -19.85 -9.80 -22.19
CA THR A 138 -19.94 -8.41 -22.55
C THR A 138 -19.51 -7.52 -21.37
N GLN A 139 -19.97 -7.88 -20.18
CA GLN A 139 -19.57 -7.17 -18.98
C GLN A 139 -18.04 -7.13 -18.83
N VAL A 140 -17.40 -8.26 -19.04
CA VAL A 140 -15.97 -8.34 -18.98
C VAL A 140 -15.32 -7.43 -20.05
N ALA A 141 -15.74 -7.58 -21.29
CA ALA A 141 -15.27 -6.73 -22.36
C ALA A 141 -15.44 -5.25 -22.07
N GLU A 142 -16.62 -4.81 -21.56
CA GLU A 142 -16.81 -3.39 -21.33
C GLU A 142 -16.04 -2.85 -20.13
N LEU A 143 -16.11 -3.54 -18.99
CA LEU A 143 -15.57 -3.02 -17.74
C LEU A 143 -14.04 -3.11 -17.74
N ILE A 144 -13.53 -4.25 -18.16
CA ILE A 144 -12.08 -4.41 -18.29
C ILE A 144 -11.49 -3.67 -19.52
N GLY A 145 -12.24 -3.59 -20.61
CA GLY A 145 -11.76 -2.92 -21.82
C GLY A 145 -11.60 -1.44 -21.61
N THR A 146 -12.62 -0.80 -21.06
CA THR A 146 -12.59 0.65 -20.85
C THR A 146 -11.62 1.08 -19.76
N ASN A 147 -11.61 0.34 -18.65
CA ASN A 147 -10.86 0.76 -17.46
C ASN A 147 -9.40 0.33 -17.52
N ALA A 148 -9.09 -0.64 -18.35
CA ALA A 148 -7.70 -1.15 -18.38
C ALA A 148 -7.13 -1.50 -19.73
N ILE A 149 -7.86 -2.25 -20.57
CA ILE A 149 -7.23 -2.71 -21.80
C ILE A 149 -7.06 -1.56 -22.80
N ALA A 150 -8.08 -0.76 -23.01
CA ALA A 150 -7.94 0.43 -23.87
C ALA A 150 -6.87 1.41 -23.35
N PRO A 151 -6.82 1.69 -22.04
CA PRO A 151 -5.65 2.48 -21.58
C PRO A 151 -4.28 1.88 -21.97
N PHE A 152 -4.15 0.57 -21.87
CA PHE A 152 -2.90 -0.15 -22.28
C PHE A 152 -2.63 0.07 -23.74
N LEU A 153 -3.65 -0.18 -24.55
CA LEU A 153 -3.46 -0.04 -25.99
C LEU A 153 -3.20 1.38 -26.40
N LEU A 154 -3.94 2.32 -25.82
CA LEU A 154 -3.67 3.74 -26.14
C LEU A 154 -2.24 4.18 -25.73
N THR A 155 -1.75 3.61 -24.63
CA THR A 155 -0.41 3.92 -24.16
C THR A 155 0.61 3.35 -25.19
N MET A 156 0.39 2.12 -25.65
CA MET A 156 1.26 1.51 -26.67
C MET A 156 1.32 2.43 -27.91
N SER A 157 0.14 2.84 -28.41
CA SER A 157 0.05 3.65 -29.60
C SER A 157 0.68 5.05 -29.38
N PHE A 158 0.41 5.64 -28.24
CA PHE A 158 1.00 6.94 -27.88
C PHE A 158 2.52 6.85 -27.90
N ALA A 159 3.10 5.87 -27.20
CA ALA A 159 4.58 5.70 -27.17
C ALA A 159 5.13 5.41 -28.55
N GLN A 160 4.43 4.58 -29.31
CA GLN A 160 4.94 4.17 -30.61
C GLN A 160 5.06 5.38 -31.60
N ARG A 161 4.11 6.30 -31.55
CA ARG A 161 4.11 7.45 -32.45
C ARG A 161 5.14 8.53 -32.16
N GLN A 162 5.86 8.47 -31.04
CA GLN A 162 6.76 9.56 -30.64
C GLN A 162 8.14 9.52 -31.32
N SER A 171 12.56 20.67 -25.01
CA SER A 171 11.54 20.75 -26.04
C SER A 171 10.17 20.27 -25.52
N SER A 172 10.03 18.95 -25.39
CA SER A 172 8.75 18.29 -25.10
C SER A 172 8.52 18.03 -23.61
N ASN A 173 7.25 17.86 -23.24
CA ASN A 173 6.90 17.39 -21.90
C ASN A 173 5.79 16.37 -22.14
N LEU A 174 6.19 15.14 -22.51
CA LEU A 174 5.24 14.07 -22.81
C LEU A 174 4.73 13.37 -21.55
N SER A 175 3.43 13.19 -21.41
CA SER A 175 2.94 12.36 -20.30
C SER A 175 1.55 11.79 -20.51
N ILE A 176 1.24 10.81 -19.67
CA ILE A 176 -0.04 10.12 -19.64
C ILE A 176 -0.58 10.29 -18.23
N VAL A 177 -1.89 10.56 -18.14
CA VAL A 177 -2.57 10.55 -16.88
C VAL A 177 -3.78 9.57 -16.93
N ASN A 178 -3.84 8.65 -16.00
CA ASN A 178 -4.89 7.69 -15.96
C ASN A 178 -5.79 8.07 -14.83
N LEU A 179 -7.08 8.07 -15.11
CA LEU A 179 -8.08 8.32 -14.09
C LEU A 179 -8.38 7.03 -13.32
N CYS A 180 -7.90 7.03 -12.08
CA CYS A 180 -7.92 5.83 -11.25
C CYS A 180 -9.07 5.94 -10.24
N ASP A 181 -8.91 5.41 -9.04
CA ASP A 181 -10.04 5.29 -8.10
C ASP A 181 -9.38 5.21 -6.72
N ALA A 182 -9.62 6.23 -5.87
CA ALA A 182 -9.05 6.28 -4.54
C ALA A 182 -9.52 5.15 -3.64
N MET A 183 -10.70 4.64 -3.91
CA MET A 183 -11.29 3.53 -3.19
C MET A 183 -11.00 2.18 -3.84
N VAL A 184 -9.89 2.07 -4.55
CA VAL A 184 -9.58 0.82 -5.25
C VAL A 184 -9.40 -0.37 -4.29
N ASP A 185 -9.00 -0.13 -3.03
CA ASP A 185 -8.87 -1.19 -2.01
C ASP A 185 -9.96 -1.27 -0.99
N GLN A 186 -10.96 -0.41 -1.13
CA GLN A 186 -12.16 -0.44 -0.30
C GLN A 186 -13.38 -0.34 -1.23
N PRO A 187 -13.55 -1.35 -2.03
CA PRO A 187 -14.44 -1.26 -3.18
C PRO A 187 -15.94 -1.37 -2.88
N CSX A 188 -16.73 -0.83 -3.81
CA CSX A 188 -18.19 -0.91 -3.80
CB CSX A 188 -18.63 -0.32 -5.12
SG CSX A 188 -19.25 1.17 -4.77
C CSX A 188 -18.66 -2.31 -3.88
O CSX A 188 -18.14 -3.08 -4.67
OD CSX A 188 -20.69 0.79 -4.49
N MET A 189 -19.64 -2.66 -3.10
CA MET A 189 -20.13 -4.03 -3.04
C MET A 189 -20.66 -4.47 -4.40
N ALA A 190 -20.30 -5.68 -4.88
CA ALA A 190 -20.76 -6.24 -6.16
C ALA A 190 -20.27 -5.52 -7.43
N PHE A 191 -19.16 -4.80 -7.30
CA PHE A 191 -18.49 -4.22 -8.48
C PHE A 191 -17.14 -4.89 -8.83
N SER A 192 -17.06 -6.21 -8.77
N SER A 192 -17.10 -6.23 -8.76
CA SER A 192 -15.75 -6.86 -8.87
CA SER A 192 -15.82 -6.95 -8.91
C SER A 192 -15.05 -6.60 -10.20
C SER A 192 -15.10 -6.55 -10.19
N LEU A 193 -15.78 -6.67 -11.31
CA LEU A 193 -15.17 -6.40 -12.62
C LEU A 193 -14.66 -4.98 -12.81
N TYR A 194 -15.47 -3.99 -12.49
CA TYR A 194 -15.04 -2.60 -12.44
C TYR A 194 -13.80 -2.42 -11.57
N ASN A 195 -13.86 -2.99 -10.38
CA ASN A 195 -12.71 -2.87 -9.44
C ASN A 195 -11.45 -3.60 -9.96
N MET A 196 -11.65 -4.79 -10.56
CA MET A 196 -10.52 -5.47 -11.26
C MET A 196 -9.86 -4.57 -12.33
N GLY A 197 -10.71 -3.90 -13.09
CA GLY A 197 -10.30 -2.93 -14.07
C GLY A 197 -9.46 -1.78 -13.51
N LYS A 198 -9.94 -1.15 -12.46
CA LYS A 198 -9.20 -0.09 -11.82
C LYS A 198 -7.88 -0.54 -11.18
N HIS A 199 -7.83 -1.77 -10.70
CA HIS A 199 -6.62 -2.30 -10.11
C HIS A 199 -5.61 -2.51 -11.20
N ALA A 200 -6.07 -3.10 -12.30
CA ALA A 200 -5.22 -3.28 -13.49
C ALA A 200 -4.62 -1.96 -13.99
N LEU A 201 -5.42 -0.92 -13.93
CA LEU A 201 -5.00 0.43 -14.33
C LEU A 201 -3.90 0.98 -13.41
N VAL A 202 -3.99 0.65 -12.11
CA VAL A 202 -2.84 0.94 -11.21
C VAL A 202 -1.61 0.23 -11.71
N GLY A 203 -1.74 -1.05 -11.98
CA GLY A 203 -0.57 -1.79 -12.51
C GLY A 203 0.01 -1.24 -13.81
N LEU A 204 -0.87 -0.85 -14.74
CA LEU A 204 -0.44 -0.26 -16.02
C LEU A 204 0.31 1.06 -15.74
N THR A 205 -0.25 1.89 -14.85
CA THR A 205 0.35 3.19 -14.51
C THR A 205 1.82 2.99 -14.09
N GLN A 206 2.03 2.00 -13.24
CA GLN A 206 3.31 1.70 -12.68
C GLN A 206 4.23 1.03 -13.71
N SER A 207 3.72 0.00 -14.40
CA SER A 207 4.49 -0.71 -15.41
C SER A 207 4.90 0.21 -16.52
N ALA A 208 3.99 1.06 -16.97
CA ALA A 208 4.26 1.96 -18.07
C ALA A 208 5.18 3.10 -17.64
N ALA A 209 5.02 3.62 -16.43
CA ALA A 209 5.95 4.67 -15.93
C ALA A 209 7.37 4.12 -16.02
N LEU A 210 7.52 2.88 -15.63
CA LEU A 210 8.85 2.24 -15.61
C LEU A 210 9.41 2.05 -17.00
N GLU A 211 8.61 1.46 -17.87
CA GLU A 211 9.05 1.14 -19.20
C GLU A 211 9.26 2.34 -20.11
N LEU A 212 8.45 3.38 -19.98
CA LEU A 212 8.55 4.55 -20.88
C LEU A 212 9.40 5.70 -20.32
N ALA A 213 9.96 5.52 -19.14
CA ALA A 213 10.78 6.59 -18.55
C ALA A 213 11.99 6.92 -19.46
N PRO A 214 12.64 5.91 -20.05
CA PRO A 214 13.76 6.15 -20.98
C PRO A 214 13.38 6.98 -22.22
N TYR A 215 12.10 6.99 -22.59
CA TYR A 215 11.59 7.86 -23.66
C TYR A 215 11.16 9.24 -23.18
N GLY A 216 11.27 9.51 -21.87
CA GLY A 216 10.88 10.79 -21.35
C GLY A 216 9.36 10.94 -21.32
N ILE A 217 8.65 9.81 -21.32
CA ILE A 217 7.22 9.88 -21.15
C ILE A 217 6.93 9.50 -19.71
N ARG A 218 6.29 10.43 -18.98
CA ARG A 218 5.85 10.19 -17.58
C ARG A 218 4.45 9.59 -17.61
N VAL A 219 4.13 8.78 -16.61
CA VAL A 219 2.84 8.10 -16.53
C VAL A 219 2.38 8.13 -15.10
N ASN A 220 1.27 8.81 -14.84
CA ASN A 220 0.79 9.07 -13.47
C ASN A 220 -0.68 8.89 -13.44
N GLY A 221 -1.25 8.99 -12.26
CA GLY A 221 -2.69 8.88 -12.13
C GLY A 221 -3.27 9.89 -11.22
N VAL A 222 -4.59 10.05 -11.37
CA VAL A 222 -5.36 10.90 -10.53
C VAL A 222 -6.55 10.02 -10.05
N ALA A 223 -6.73 9.94 -8.74
CA ALA A 223 -7.71 9.05 -8.15
C ALA A 223 -8.78 9.81 -7.37
N PRO A 224 -9.94 10.06 -8.03
CA PRO A 224 -11.10 10.59 -7.31
C PRO A 224 -11.61 9.57 -6.31
N GLY A 225 -12.35 10.05 -5.30
CA GLY A 225 -13.01 9.17 -4.39
C GLY A 225 -14.48 9.34 -4.77
N VAL A 226 -15.08 10.37 -4.23
CA VAL A 226 -16.42 10.79 -4.68
C VAL A 226 -16.31 12.18 -5.29
N SER A 227 -16.57 12.20 -6.58
CA SER A 227 -16.67 13.41 -7.38
C SER A 227 -18.11 13.45 -7.94
N LEU A 228 -18.29 13.90 -9.19
CA LEU A 228 -19.61 14.09 -9.75
C LEU A 228 -20.41 12.80 -9.61
N LEU A 229 -21.56 12.89 -8.96
CA LEU A 229 -22.31 11.69 -8.68
C LEU A 229 -22.95 11.20 -9.98
N PRO A 230 -23.22 9.90 -10.06
CA PRO A 230 -23.83 9.33 -11.24
C PRO A 230 -25.17 9.99 -11.50
N VAL A 231 -25.43 10.25 -12.78
CA VAL A 231 -26.59 11.01 -13.23
C VAL A 231 -27.89 10.29 -12.83
N ALA A 232 -27.88 8.96 -12.79
CA ALA A 232 -29.10 8.21 -12.40
C ALA A 232 -29.32 8.18 -10.89
N MET A 233 -28.36 8.66 -10.10
CA MET A 233 -28.55 8.76 -8.67
C MET A 233 -29.55 9.85 -8.27
N GLY A 234 -30.46 9.47 -7.40
CA GLY A 234 -31.34 10.45 -6.72
C GLY A 234 -30.60 11.26 -5.67
N GLU A 235 -31.10 12.46 -5.38
CA GLU A 235 -30.43 13.36 -4.41
C GLU A 235 -30.20 12.69 -3.06
N GLU A 236 -31.13 11.84 -2.60
CA GLU A 236 -30.93 11.22 -1.28
C GLU A 236 -29.68 10.34 -1.22
N GLU A 237 -29.55 9.48 -2.22
CA GLU A 237 -28.39 8.56 -2.34
C GLU A 237 -27.10 9.38 -2.60
N LYS A 238 -27.18 10.42 -3.42
CA LYS A 238 -26.10 11.43 -3.52
C LYS A 238 -25.61 11.94 -2.13
N ASP A 239 -26.54 12.39 -1.33
CA ASP A 239 -26.19 12.93 -0.01
C ASP A 239 -25.58 11.88 0.90
N LYS A 240 -26.00 10.62 0.77
CA LYS A 240 -25.37 9.53 1.53
C LYS A 240 -23.86 9.43 1.20
N TRP A 241 -23.49 9.57 -0.06
CA TRP A 241 -22.07 9.54 -0.45
C TRP A 241 -21.35 10.79 0.04
N ARG A 242 -21.96 11.97 -0.16
CA ARG A 242 -21.42 13.23 0.34
C ARG A 242 -21.09 13.22 1.81
N ARG A 243 -22.00 12.70 2.62
CA ARG A 243 -21.82 12.72 4.05
C ARG A 243 -20.63 11.85 4.54
N LYS A 244 -20.07 11.02 3.67
CA LYS A 244 -18.88 10.24 4.03
C LYS A 244 -17.57 11.02 3.97
N VAL A 245 -17.57 12.15 3.26
CA VAL A 245 -16.32 12.85 2.96
C VAL A 245 -15.92 13.77 4.12
N PRO A 246 -14.80 13.48 4.80
CA PRO A 246 -14.31 14.35 5.89
C PRO A 246 -14.12 15.81 5.50
N LEU A 247 -13.43 16.07 4.40
CA LEU A 247 -13.22 17.43 3.92
C LEU A 247 -14.49 18.04 3.28
N GLY A 248 -15.42 18.53 4.11
CA GLY A 248 -16.49 19.34 3.57
C GLY A 248 -17.78 18.60 3.38
N ARG A 249 -17.80 17.30 3.67
CA ARG A 249 -18.99 16.48 3.44
C ARG A 249 -19.65 16.72 2.08
N ARG A 250 -18.83 16.83 1.04
CA ARG A 250 -19.32 17.02 -0.31
C ARG A 250 -18.35 16.38 -1.31
N GLU A 251 -18.79 16.25 -2.57
CA GLU A 251 -18.01 15.61 -3.63
C GLU A 251 -17.03 16.57 -4.22
N ALA A 252 -15.94 16.08 -4.80
CA ALA A 252 -15.05 16.92 -5.55
C ALA A 252 -15.81 17.45 -6.78
N SER A 253 -15.54 18.71 -7.12
CA SER A 253 -15.99 19.22 -8.40
C SER A 253 -15.19 18.59 -9.51
N ALA A 254 -15.75 18.62 -10.72
CA ALA A 254 -15.00 18.18 -11.88
C ALA A 254 -13.71 18.98 -12.06
N GLU A 255 -13.76 20.29 -11.79
CA GLU A 255 -12.56 21.10 -11.90
C GLU A 255 -11.47 20.69 -10.91
N GLN A 256 -11.88 20.28 -9.72
CA GLN A 256 -10.92 19.86 -8.69
C GLN A 256 -10.10 18.62 -9.15
N ILE A 257 -10.76 17.68 -9.81
CA ILE A 257 -10.07 16.53 -10.46
C ILE A 257 -9.15 17.02 -11.57
N ALA A 258 -9.66 17.90 -12.44
CA ALA A 258 -8.84 18.46 -13.55
C ALA A 258 -7.58 19.19 -13.13
N ASP A 259 -7.68 19.92 -12.02
CA ASP A 259 -6.55 20.62 -11.44
C ASP A 259 -5.38 19.66 -11.16
N ALA A 260 -5.69 18.46 -10.63
CA ALA A 260 -4.64 17.47 -10.35
C ALA A 260 -4.04 16.90 -11.65
N VAL A 261 -4.88 16.79 -12.68
CA VAL A 261 -4.40 16.38 -14.03
C VAL A 261 -3.45 17.38 -14.63
N ILE A 262 -3.84 18.66 -14.57
CA ILE A 262 -3.06 19.74 -15.14
C ILE A 262 -1.74 19.87 -14.41
N PHE A 263 -1.77 19.74 -13.08
CA PHE A 263 -0.47 19.65 -12.34
C PHE A 263 0.44 18.55 -12.89
N LEU A 264 -0.08 17.33 -13.00
CA LEU A 264 0.75 16.22 -13.46
C LEU A 264 1.28 16.40 -14.86
N VAL A 265 0.53 17.06 -15.76
CA VAL A 265 1.06 17.28 -17.12
C VAL A 265 2.04 18.44 -17.17
N SER A 266 1.95 19.35 -16.18
CA SER A 266 2.75 20.56 -16.16
C SER A 266 4.24 20.32 -15.92
N GLY A 267 5.02 21.36 -16.13
CA GLY A 267 6.48 21.30 -15.90
C GLY A 267 6.75 21.37 -14.41
N SER A 268 5.73 21.59 -13.59
CA SER A 268 5.89 21.50 -12.16
C SER A 268 5.91 20.06 -11.62
N ALA A 269 5.69 19.08 -12.50
CA ALA A 269 5.73 17.65 -12.16
C ALA A 269 6.75 16.88 -13.02
N GLN A 270 7.75 17.57 -13.55
CA GLN A 270 8.70 16.90 -14.45
C GLN A 270 9.52 15.79 -13.88
N TYR A 271 9.59 15.63 -12.57
CA TYR A 271 10.19 14.42 -12.01
C TYR A 271 9.18 13.38 -11.51
N ILE A 272 7.86 13.65 -11.59
CA ILE A 272 6.86 12.76 -11.09
C ILE A 272 6.47 11.74 -12.16
N THR A 273 6.67 10.48 -11.85
CA THR A 273 6.23 9.38 -12.73
C THR A 273 5.97 8.19 -11.84
N GLY A 274 4.93 7.46 -12.21
CA GLY A 274 4.44 6.37 -11.45
C GLY A 274 3.67 6.74 -10.19
N SER A 275 3.32 8.02 -10.01
CA SER A 275 2.58 8.46 -8.82
C SER A 275 1.09 8.57 -9.11
N ILE A 276 0.26 8.15 -8.14
CA ILE A 276 -1.18 8.26 -8.23
C ILE A 276 -1.63 9.21 -7.15
N ILE A 277 -2.12 10.38 -7.53
CA ILE A 277 -2.56 11.41 -6.60
C ILE A 277 -4.05 11.22 -6.31
N LYS A 278 -4.36 10.86 -5.05
CA LYS A 278 -5.73 10.87 -4.59
C LYS A 278 -6.27 12.30 -4.53
N VAL A 279 -7.51 12.45 -4.97
CA VAL A 279 -8.27 13.72 -4.90
C VAL A 279 -9.63 13.37 -4.31
N ASP A 280 -9.58 13.11 -3.01
CA ASP A 280 -10.68 12.45 -2.33
C ASP A 280 -11.16 13.06 -1.03
N GLY A 281 -10.62 14.22 -0.63
CA GLY A 281 -11.10 14.87 0.60
C GLY A 281 -11.03 13.98 1.81
N GLY A 282 -10.14 12.99 1.79
CA GLY A 282 -9.94 12.12 2.95
C GLY A 282 -10.76 10.89 2.99
N LEU A 283 -11.66 10.71 2.04
CA LEU A 283 -12.57 9.57 2.00
C LEU A 283 -11.92 8.18 2.21
N SER A 284 -10.80 7.89 1.54
CA SER A 284 -10.18 6.56 1.63
C SER A 284 -9.57 6.28 3.01
N LEU A 285 -9.44 7.27 3.83
CA LEU A 285 -8.88 7.13 5.16
C LEU A 285 -9.95 6.81 6.26
N VAL A 286 -11.22 6.88 5.90
CA VAL A 286 -12.31 6.72 6.84
C VAL A 286 -12.65 5.24 6.99
N HIS A 287 -12.63 4.74 8.23
CA HIS A 287 -12.99 3.33 8.43
C HIS A 287 -14.50 3.14 8.35
N ALA A 288 -14.89 1.89 8.19
CA ALA A 288 -16.29 1.56 8.18
C ALA A 288 -16.99 2.05 9.44
N GLU B 22 -3.79 40.76 2.59
CA GLU B 22 -2.70 40.42 3.57
C GLU B 22 -2.00 39.11 3.12
N ALA B 23 -0.67 39.11 3.12
CA ALA B 23 0.07 37.94 2.68
C ALA B 23 -0.07 36.75 3.68
N PRO B 24 -0.31 35.52 3.15
CA PRO B 24 -0.34 34.38 4.08
C PRO B 24 1.07 34.08 4.62
N ALA B 25 1.15 33.21 5.62
CA ALA B 25 2.44 32.87 6.23
C ALA B 25 2.65 31.35 6.39
N ALA B 26 3.91 30.93 6.25
CA ALA B 26 4.33 29.53 6.34
C ALA B 26 5.56 29.36 7.28
N VAL B 27 5.50 28.28 8.06
CA VAL B 27 6.64 27.76 8.83
C VAL B 27 7.20 26.58 8.04
N VAL B 28 8.48 26.65 7.74
CA VAL B 28 9.19 25.55 7.17
C VAL B 28 10.26 25.13 8.17
N THR B 29 10.24 23.88 8.60
CA THR B 29 11.30 23.39 9.48
C THR B 29 12.52 22.90 8.69
N GLY B 30 13.69 23.04 9.29
CA GLY B 30 14.94 22.70 8.61
C GLY B 30 15.10 23.44 7.29
N ALA B 31 14.79 24.73 7.31
CA ALA B 31 14.74 25.59 6.08
C ALA B 31 16.04 26.27 5.63
N ALA B 32 17.10 26.11 6.43
CA ALA B 32 18.35 26.78 6.13
C ALA B 32 19.04 26.31 4.86
N LYS B 33 18.87 25.04 4.55
CA LYS B 33 19.62 24.41 3.46
C LYS B 33 18.80 23.41 2.62
N ARG B 34 19.36 23.03 1.47
CA ARG B 34 18.90 21.88 0.65
C ARG B 34 17.39 21.98 0.34
N ILE B 35 16.65 20.90 0.56
CA ILE B 35 15.24 20.88 0.21
C ILE B 35 14.42 21.92 0.99
N GLY B 36 14.62 22.04 2.31
CA GLY B 36 13.83 23.03 3.09
C GLY B 36 14.01 24.47 2.60
N ARG B 37 15.25 24.84 2.27
CA ARG B 37 15.56 26.13 1.66
C ARG B 37 14.77 26.35 0.36
N ALA B 38 14.76 25.35 -0.55
CA ALA B 38 14.06 25.49 -1.82
C ALA B 38 12.59 25.72 -1.57
N ILE B 39 12.06 24.98 -0.61
CA ILE B 39 10.67 25.12 -0.21
C ILE B 39 10.38 26.54 0.32
N ALA B 40 11.23 27.07 1.18
CA ALA B 40 10.94 28.35 1.72
C ALA B 40 11.02 29.38 0.60
N VAL B 41 12.03 29.28 -0.28
CA VAL B 41 12.16 30.19 -1.37
C VAL B 41 10.96 30.18 -2.28
N LYS B 42 10.48 28.98 -2.64
CA LYS B 42 9.34 28.91 -3.55
C LYS B 42 8.06 29.45 -2.93
N LEU B 43 7.89 29.13 -1.65
CA LEU B 43 6.75 29.67 -0.89
C LEU B 43 6.84 31.21 -0.91
N HIS B 44 8.00 31.75 -0.59
CA HIS B 44 8.21 33.19 -0.65
C HIS B 44 7.88 33.81 -2.02
N GLN B 45 8.43 33.21 -3.08
CA GLN B 45 8.12 33.61 -4.46
C GLN B 45 6.64 33.54 -4.79
N THR B 46 5.92 32.62 -4.17
CA THR B 46 4.50 32.47 -4.37
C THR B 46 3.73 33.55 -3.63
N GLY B 47 4.35 34.25 -2.69
CA GLY B 47 3.68 35.30 -1.95
C GLY B 47 3.57 35.07 -0.46
N TYR B 48 4.18 33.99 0.06
CA TYR B 48 4.16 33.75 1.51
C TYR B 48 5.19 34.54 2.26
N ARG B 49 4.81 34.94 3.48
CA ARG B 49 5.83 35.35 4.47
C ARG B 49 6.33 34.07 5.16
N VAL B 50 7.62 34.00 5.50
CA VAL B 50 8.19 32.70 5.93
C VAL B 50 8.93 32.77 7.27
N VAL B 51 8.75 31.73 8.08
CA VAL B 51 9.56 31.47 9.24
C VAL B 51 10.49 30.34 8.80
N ILE B 52 11.77 30.65 8.83
CA ILE B 52 12.83 29.76 8.41
C ILE B 52 13.37 29.12 9.72
N HIS B 53 12.89 27.93 10.05
CA HIS B 53 13.38 27.23 11.26
C HIS B 53 14.70 26.56 10.91
N TYR B 54 15.65 26.56 11.85
CA TYR B 54 16.94 25.88 11.66
C TYR B 54 17.38 25.30 13.02
N HIS B 55 18.32 24.35 12.99
CA HIS B 55 18.90 23.82 14.24
C HIS B 55 20.35 24.34 14.46
N ASN B 56 21.31 23.81 13.71
CA ASN B 56 22.69 24.27 13.73
C ASN B 56 23.09 25.27 12.61
N SER B 57 22.34 25.42 11.53
CA SER B 57 22.83 26.21 10.40
C SER B 57 22.40 27.71 10.51
N ALA B 58 22.90 28.44 11.52
CA ALA B 58 22.41 29.80 11.73
C ALA B 58 22.78 30.70 10.56
N GLU B 59 23.99 30.54 10.09
CA GLU B 59 24.48 31.46 9.13
C GLU B 59 23.72 31.32 7.82
N ALA B 60 23.39 30.09 7.44
CA ALA B 60 22.66 29.85 6.23
C ALA B 60 21.23 30.33 6.36
N ALA B 61 20.64 30.07 7.53
CA ALA B 61 19.28 30.52 7.79
C ALA B 61 19.13 32.05 7.63
N VAL B 62 20.06 32.76 8.28
CA VAL B 62 20.12 34.22 8.25
C VAL B 62 20.41 34.74 6.82
N SER B 63 21.33 34.11 6.10
N SER B 63 21.35 34.11 6.13
CA SER B 63 21.61 34.55 4.74
CA SER B 63 21.60 34.50 4.76
C SER B 63 20.40 34.37 3.84
C SER B 63 20.32 34.45 3.96
N LEU B 64 19.61 33.33 4.07
CA LEU B 64 18.34 33.17 3.36
C LEU B 64 17.34 34.26 3.81
N ALA B 65 17.24 34.55 5.11
CA ALA B 65 16.27 35.57 5.55
C ALA B 65 16.61 36.91 4.92
N ASP B 66 17.89 37.26 4.95
CA ASP B 66 18.35 38.48 4.34
C ASP B 66 18.06 38.56 2.82
N GLU B 67 18.38 37.50 2.09
CA GLU B 67 18.02 37.44 0.67
C GLU B 67 16.51 37.69 0.45
N LEU B 68 15.66 36.99 1.19
CA LEU B 68 14.22 37.16 1.07
C LEU B 68 13.65 38.51 1.50
N ASN B 69 14.21 39.09 2.57
CA ASN B 69 13.77 40.44 3.00
C ASN B 69 14.20 41.57 2.06
N LYS B 70 15.29 41.32 1.34
CA LYS B 70 15.69 42.17 0.27
C LYS B 70 14.70 42.10 -0.88
N GLU B 71 14.06 40.94 -1.07
CA GLU B 71 13.04 40.83 -2.11
C GLU B 71 11.78 41.59 -1.69
N ARG B 72 11.33 41.34 -0.48
CA ARG B 72 10.19 42.05 0.07
C ARG B 72 10.45 42.26 1.55
N SER B 73 10.48 43.52 1.98
CA SER B 73 10.77 43.84 3.39
C SER B 73 9.86 43.14 4.36
N ASN B 74 10.42 42.64 5.46
N ASN B 74 10.44 42.67 5.47
CA ASN B 74 9.62 42.15 6.58
CA ASN B 74 9.70 42.11 6.61
C ASN B 74 8.78 40.93 6.25
C ASN B 74 8.80 40.93 6.26
N THR B 75 9.34 40.04 5.44
CA THR B 75 8.60 38.88 5.02
C THR B 75 9.25 37.56 5.43
N ALA B 76 10.43 37.62 6.09
CA ALA B 76 11.17 36.42 6.50
C ALA B 76 11.77 36.62 7.91
N VAL B 77 11.55 35.64 8.78
CA VAL B 77 12.22 35.60 10.11
C VAL B 77 12.78 34.20 10.29
N VAL B 78 13.75 34.06 11.19
CA VAL B 78 14.32 32.73 11.52
C VAL B 78 13.95 32.38 12.94
N CYS B 79 14.01 31.08 13.20
CA CYS B 79 13.65 30.55 14.47
C CYS B 79 14.46 29.27 14.77
N GLN B 80 15.23 29.28 15.85
CA GLN B 80 16.18 28.22 16.14
C GLN B 80 15.51 27.29 17.11
N ALA B 81 15.59 25.99 16.82
CA ALA B 81 15.15 25.01 17.79
C ALA B 81 15.68 23.64 17.43
N ASP B 82 16.01 22.89 18.48
CA ASP B 82 16.29 21.47 18.41
C ASP B 82 15.00 20.71 18.44
N LEU B 83 14.81 19.79 17.49
CA LEU B 83 13.55 19.05 17.40
C LEU B 83 13.71 17.58 17.83
N THR B 84 14.80 17.28 18.53
CA THR B 84 15.00 15.99 19.17
C THR B 84 13.90 15.79 20.19
N ASN B 85 13.47 14.55 20.36
CA ASN B 85 12.45 14.26 21.34
C ASN B 85 13.02 14.50 22.77
N SER B 86 12.22 15.15 23.60
CA SER B 86 12.56 15.48 25.01
C SER B 86 11.32 15.95 25.71
N ASN B 87 11.47 16.22 27.01
N ASN B 87 11.38 16.18 27.02
CA ASN B 87 10.43 16.83 27.83
CA ASN B 87 10.23 16.76 27.72
C ASN B 87 10.12 18.28 27.45
C ASN B 87 10.10 18.29 27.48
N VAL B 88 11.06 18.95 26.80
CA VAL B 88 10.83 20.36 26.37
C VAL B 88 10.35 20.48 24.89
N LEU B 89 10.25 19.38 24.18
CA LEU B 89 9.87 19.44 22.75
C LEU B 89 8.50 20.04 22.50
N PRO B 90 7.49 19.69 23.31
CA PRO B 90 6.19 20.37 23.06
C PRO B 90 6.30 21.91 23.16
N ALA B 91 7.07 22.41 24.12
CA ALA B 91 7.18 23.83 24.30
C ALA B 91 7.91 24.43 23.16
N SER B 92 9.01 23.79 22.75
CA SER B 92 9.68 24.26 21.56
C SER B 92 8.75 24.39 20.34
N CYS B 93 8.00 23.34 20.07
CA CYS B 93 7.14 23.36 18.88
C CYS B 93 6.04 24.43 19.00
N GLU B 94 5.46 24.59 20.18
CA GLU B 94 4.49 25.65 20.42
C GLU B 94 5.11 26.98 20.12
N GLU B 95 6.34 27.15 20.54
CA GLU B 95 7.07 28.39 20.34
C GLU B 95 7.44 28.68 18.85
N ILE B 96 7.67 27.64 18.06
CA ILE B 96 7.89 27.83 16.63
C ILE B 96 6.60 28.37 15.99
N ILE B 97 5.48 27.75 16.30
CA ILE B 97 4.20 28.24 15.81
C ILE B 97 4.01 29.70 16.29
N ASN B 98 4.22 29.93 17.57
CA ASN B 98 4.03 31.26 18.17
C ASN B 98 4.85 32.30 17.45
N SER B 99 6.07 31.92 17.06
CA SER B 99 6.95 32.81 16.40
C SER B 99 6.30 33.35 15.11
N CYS B 100 5.63 32.48 14.36
CA CYS B 100 5.00 32.87 13.10
C CYS B 100 3.88 33.88 13.37
N PHE B 101 3.10 33.61 14.42
CA PHE B 101 2.03 34.53 14.79
C PHE B 101 2.57 35.88 15.27
N ARG B 102 3.56 35.84 16.15
CA ARG B 102 4.19 37.09 16.59
C ARG B 102 4.73 37.85 15.38
N ALA B 103 5.29 37.13 14.40
CA ALA B 103 5.91 37.82 13.28
C ALA B 103 4.89 38.37 12.29
N PHE B 104 3.83 37.62 12.02
CA PHE B 104 3.03 37.83 10.82
C PHE B 104 1.51 37.88 11.06
N GLY B 105 1.05 37.64 12.28
CA GLY B 105 -0.39 37.80 12.62
C GLY B 105 -1.19 36.58 12.25
N ARG B 106 -0.53 35.58 11.64
CA ARG B 106 -1.24 34.41 11.13
C ARG B 106 -0.24 33.26 10.84
N CYS B 107 -0.79 32.05 10.66
CA CYS B 107 0.03 30.88 10.24
C CYS B 107 -0.86 29.98 9.40
N ASP B 108 -0.63 30.03 8.09
CA ASP B 108 -1.46 29.36 7.12
C ASP B 108 -0.92 28.00 6.74
N VAL B 109 0.41 27.87 6.67
CA VAL B 109 1.08 26.66 6.18
C VAL B 109 2.18 26.23 7.13
N LEU B 110 2.24 24.91 7.38
CA LEU B 110 3.31 24.25 8.11
C LEU B 110 3.92 23.22 7.21
N VAL B 111 5.25 23.26 7.02
CA VAL B 111 5.96 22.24 6.27
C VAL B 111 6.95 21.54 7.20
N ASN B 112 6.69 20.26 7.45
CA ASN B 112 7.55 19.41 8.27
C ASN B 112 8.63 18.75 7.43
N ASN B 113 9.75 19.42 7.39
CA ASN B 113 10.88 19.04 6.53
C ASN B 113 12.13 18.58 7.28
N ALA B 114 12.44 19.20 8.45
CA ALA B 114 13.61 18.85 9.23
C ALA B 114 13.66 17.35 9.55
N SER B 115 14.85 16.75 9.41
CA SER B 115 14.97 15.32 9.56
C SER B 115 16.41 14.93 9.85
N ALA B 116 16.60 14.16 10.92
CA ALA B 116 17.87 13.44 11.16
C ALA B 116 17.88 12.15 10.34
N PHE B 117 19.05 11.80 9.81
CA PHE B 117 19.18 10.65 8.95
C PHE B 117 20.59 10.15 9.16
N TYR B 118 20.69 8.94 9.69
CA TYR B 118 21.97 8.22 9.84
C TYR B 118 21.64 6.78 10.22
N PRO B 119 22.59 5.86 10.05
CA PRO B 119 22.30 4.47 10.38
C PRO B 119 22.19 4.18 11.88
N THR B 120 21.36 3.21 12.20
CA THR B 120 21.26 2.65 13.55
C THR B 120 21.16 1.16 13.47
N PRO B 121 22.30 0.47 13.30
CA PRO B 121 22.17 -0.94 13.05
C PRO B 121 21.64 -1.73 14.22
N LEU B 122 20.98 -2.84 13.92
CA LEU B 122 20.36 -3.67 14.94
C LEU B 122 21.39 -4.57 15.64
N VAL B 123 22.44 -4.92 14.92
CA VAL B 123 23.46 -5.84 15.44
C VAL B 123 24.87 -5.26 15.44
N GLY B 133 29.26 7.85 18.46
CA GLY B 133 29.32 7.69 19.91
C GLY B 133 27.99 7.80 20.65
N LYS B 134 26.89 8.13 19.96
CA LYS B 134 25.58 8.41 20.61
C LYS B 134 25.00 7.17 21.28
N THR B 135 24.30 7.31 22.39
CA THR B 135 23.60 6.20 22.94
C THR B 135 22.35 5.92 22.09
N VAL B 136 21.89 4.70 22.15
CA VAL B 136 20.70 4.33 21.39
C VAL B 136 19.48 5.19 21.80
N GLU B 137 19.35 5.52 23.10
CA GLU B 137 18.23 6.35 23.50
C GLU B 137 18.36 7.76 22.85
N THR B 138 19.58 8.23 22.60
CA THR B 138 19.75 9.51 21.91
C THR B 138 19.32 9.39 20.45
N GLN B 139 19.76 8.31 19.79
CA GLN B 139 19.38 8.02 18.40
C GLN B 139 17.85 7.94 18.24
N VAL B 140 17.20 7.25 19.16
CA VAL B 140 15.76 7.23 19.21
C VAL B 140 15.22 8.67 19.30
N ALA B 141 15.69 9.41 20.30
CA ALA B 141 15.21 10.75 20.46
C ALA B 141 15.38 11.57 19.18
N GLU B 142 16.53 11.47 18.54
CA GLU B 142 16.83 12.35 17.40
C GLU B 142 16.07 11.93 16.15
N LEU B 143 16.12 10.64 15.86
CA LEU B 143 15.50 10.12 14.61
C LEU B 143 13.97 10.12 14.68
N ILE B 144 13.42 9.60 15.79
CA ILE B 144 11.97 9.63 15.95
C ILE B 144 11.45 11.04 16.26
N GLY B 145 12.21 11.83 17.03
CA GLY B 145 11.81 13.20 17.33
C GLY B 145 11.71 14.04 16.06
N THR B 146 12.74 14.07 15.24
CA THR B 146 12.74 14.97 14.08
C THR B 146 11.72 14.51 13.05
N ASN B 147 11.66 13.21 12.80
CA ASN B 147 10.88 12.70 11.66
C ASN B 147 9.42 12.49 11.97
N ALA B 148 9.05 12.47 13.23
CA ALA B 148 7.75 12.07 13.64
C ALA B 148 7.12 12.84 14.79
N ILE B 149 7.79 12.88 15.95
CA ILE B 149 7.13 13.53 17.13
C ILE B 149 7.03 15.07 17.00
N ALA B 150 8.10 15.68 16.56
CA ALA B 150 8.11 17.12 16.34
C ALA B 150 7.03 17.49 15.26
N PRO B 151 6.92 16.69 14.15
CA PRO B 151 5.76 16.91 13.27
C PRO B 151 4.41 16.84 13.95
N PHE B 152 4.21 15.88 14.81
CA PHE B 152 2.96 15.79 15.58
C PHE B 152 2.70 16.98 16.51
N LEU B 153 3.71 17.36 17.28
CA LEU B 153 3.59 18.50 18.19
C LEU B 153 3.38 19.80 17.42
N LEU B 154 4.13 20.00 16.35
CA LEU B 154 3.91 21.18 15.50
C LEU B 154 2.46 21.25 14.96
N THR B 155 1.93 20.08 14.58
CA THR B 155 0.56 19.92 14.08
C THR B 155 -0.45 20.29 15.14
N MET B 156 -0.23 19.83 16.36
CA MET B 156 -1.11 20.21 17.49
C MET B 156 -1.09 21.69 17.69
N SER B 157 0.08 22.28 17.65
CA SER B 157 0.17 23.69 18.00
C SER B 157 -0.46 24.53 16.85
N PHE B 158 -0.24 24.08 15.62
CA PHE B 158 -0.77 24.75 14.45
C PHE B 158 -2.27 24.72 14.56
N ALA B 159 -2.80 23.55 14.81
CA ALA B 159 -4.25 23.39 14.84
C ALA B 159 -4.84 24.12 16.04
N GLN B 160 -4.20 23.98 17.20
CA GLN B 160 -4.71 24.71 18.38
C GLN B 160 -4.89 26.21 18.06
N ARG B 161 -3.91 26.84 17.42
CA ARG B 161 -4.03 28.27 17.07
C ARG B 161 -5.16 28.59 16.08
N GLN B 162 -5.67 27.59 15.37
CA GLN B 162 -6.77 27.77 14.40
C GLN B 162 -8.11 27.22 14.96
N LYS B 163 -8.21 27.15 16.28
CA LYS B 163 -9.31 26.45 16.95
C LYS B 163 -10.69 27.13 16.80
N SER B 171 -12.77 32.22 3.36
CA SER B 171 -11.91 31.63 2.34
C SER B 171 -10.39 31.63 2.73
N SER B 172 -10.06 30.93 3.80
CA SER B 172 -8.67 30.68 4.14
C SER B 172 -8.25 29.35 3.49
N ASN B 173 -6.94 29.16 3.29
CA ASN B 173 -6.44 27.91 2.74
C ASN B 173 -5.33 27.38 3.63
N LEU B 174 -5.73 26.69 4.70
CA LEU B 174 -4.77 26.19 5.70
C LEU B 174 -4.35 24.77 5.38
N SER B 175 -3.06 24.53 5.38
CA SER B 175 -2.58 23.15 5.20
C SER B 175 -1.20 22.90 5.76
N ILE B 176 -0.96 21.59 5.91
CA ILE B 176 0.31 21.05 6.40
C ILE B 176 0.84 20.13 5.32
N VAL B 177 2.14 20.22 5.07
CA VAL B 177 2.79 19.29 4.16
C VAL B 177 3.97 18.64 4.94
N ASN B 178 4.00 17.31 4.98
CA ASN B 178 5.05 16.52 5.64
C ASN B 178 5.96 15.92 4.60
N LEU B 179 7.27 16.09 4.79
CA LEU B 179 8.24 15.50 3.86
C LEU B 179 8.46 14.07 4.26
N CYS B 180 7.93 13.17 3.44
CA CYS B 180 7.94 11.73 3.69
C CYS B 180 9.11 11.08 2.92
N ASP B 181 8.92 9.91 2.32
CA ASP B 181 10.03 9.14 1.79
C ASP B 181 9.40 8.11 0.82
N ALA B 182 9.73 8.20 -0.47
CA ALA B 182 9.13 7.32 -1.48
C ALA B 182 9.50 5.89 -1.25
N MET B 183 10.65 5.71 -0.61
CA MET B 183 11.22 4.43 -0.32
C MET B 183 10.89 3.91 1.08
N VAL B 184 9.75 4.35 1.64
CA VAL B 184 9.40 4.01 3.00
C VAL B 184 9.18 2.51 3.22
N ASP B 185 8.77 1.79 2.17
CA ASP B 185 8.54 0.36 2.24
C ASP B 185 9.64 -0.45 1.58
N GLN B 186 10.69 0.22 1.18
CA GLN B 186 11.89 -0.40 0.63
C GLN B 186 13.11 0.28 1.27
N PRO B 187 13.27 0.05 2.55
CA PRO B 187 14.16 0.87 3.35
C PRO B 187 15.65 0.65 3.07
N CYS B 188 16.42 1.67 3.34
CA CYS B 188 17.86 1.54 3.36
C CYS B 188 18.31 0.56 4.48
N MET B 189 19.25 -0.32 4.17
CA MET B 189 19.79 -1.26 5.16
C MET B 189 20.33 -0.55 6.42
N ALA B 190 19.82 -0.96 7.59
CA ALA B 190 20.36 -0.56 8.90
C ALA B 190 19.97 0.88 9.27
N PHE B 191 18.85 1.33 8.66
CA PHE B 191 18.19 2.61 9.01
C PHE B 191 16.82 2.40 9.67
N SER B 192 16.69 1.39 10.53
N SER B 192 16.70 1.39 10.53
CA SER B 192 15.41 1.05 11.11
CA SER B 192 15.45 1.04 11.17
C SER B 192 14.76 2.24 11.85
C SER B 192 14.77 2.25 11.83
N LEU B 193 15.52 3.00 12.64
CA LEU B 193 14.93 4.15 13.37
C LEU B 193 14.47 5.29 12.47
N TYR B 194 15.30 5.67 11.54
CA TYR B 194 14.92 6.66 10.49
C TYR B 194 13.65 6.17 9.79
N ASN B 195 13.67 4.89 9.38
CA ASN B 195 12.54 4.33 8.65
C ASN B 195 11.27 4.24 9.50
N MET B 196 11.45 3.92 10.77
CA MET B 196 10.33 3.93 11.71
C MET B 196 9.71 5.32 11.83
N GLY B 197 10.57 6.31 11.90
CA GLY B 197 10.19 7.72 11.91
C GLY B 197 9.39 8.13 10.69
N LYS B 198 9.90 7.82 9.53
CA LYS B 198 9.14 8.10 8.29
C LYS B 198 7.80 7.38 8.20
N HIS B 199 7.74 6.12 8.63
CA HIS B 199 6.48 5.39 8.62
C HIS B 199 5.48 6.04 9.57
N ALA B 200 5.96 6.46 10.74
CA ALA B 200 5.13 7.15 11.71
C ALA B 200 4.57 8.43 11.09
N LEU B 201 5.40 9.11 10.32
CA LEU B 201 4.99 10.34 9.65
C LEU B 201 3.85 10.11 8.65
N VAL B 202 3.86 8.96 7.97
CA VAL B 202 2.75 8.59 7.07
C VAL B 202 1.48 8.49 7.91
N GLY B 203 1.57 7.79 9.04
CA GLY B 203 0.39 7.67 9.95
C GLY B 203 -0.14 9.01 10.44
N LEU B 204 0.75 9.91 10.78
CA LEU B 204 0.36 11.26 11.23
C LEU B 204 -0.36 12.01 10.11
N THR B 205 0.26 11.98 8.93
CA THR B 205 -0.33 12.59 7.73
C THR B 205 -1.79 12.18 7.58
N GLN B 206 -2.05 10.88 7.68
CA GLN B 206 -3.40 10.35 7.53
C GLN B 206 -4.32 10.64 8.72
N SER B 207 -3.81 10.41 9.93
CA SER B 207 -4.61 10.64 11.17
C SER B 207 -4.95 12.13 11.29
N ALA B 208 -4.01 12.99 10.95
CA ALA B 208 -4.25 14.45 11.05
C ALA B 208 -5.20 14.95 9.96
N ALA B 209 -5.02 14.45 8.74
CA ALA B 209 -5.97 14.77 7.63
C ALA B 209 -7.40 14.55 8.07
N LEU B 210 -7.63 13.36 8.60
CA LEU B 210 -8.92 12.99 9.10
C LEU B 210 -9.44 13.90 10.22
N GLU B 211 -8.60 14.10 11.25
CA GLU B 211 -9.04 14.80 12.44
C GLU B 211 -9.21 16.30 12.20
N LEU B 212 -8.38 16.87 11.33
CA LEU B 212 -8.40 18.32 11.12
C LEU B 212 -9.32 18.78 9.98
N ALA B 213 -9.90 17.83 9.27
CA ALA B 213 -10.71 18.14 8.09
C ALA B 213 -11.90 19.03 8.45
N PRO B 214 -12.55 18.82 9.61
CA PRO B 214 -13.63 19.76 10.05
C PRO B 214 -13.20 21.22 10.25
N TYR B 215 -11.95 21.44 10.54
CA TYR B 215 -11.42 22.79 10.67
C TYR B 215 -10.96 23.33 9.35
N GLY B 216 -11.14 22.55 8.28
CA GLY B 216 -10.72 22.99 6.95
C GLY B 216 -9.21 22.94 6.77
N ILE B 217 -8.51 22.19 7.61
CA ILE B 217 -7.06 22.18 7.48
C ILE B 217 -6.72 20.93 6.73
N ARG B 218 -6.03 21.05 5.60
CA ARG B 218 -5.64 19.86 4.85
C ARG B 218 -4.25 19.42 5.31
N VAL B 219 -3.98 18.14 5.20
CA VAL B 219 -2.65 17.58 5.58
C VAL B 219 -2.22 16.55 4.58
N ASN B 220 -1.06 16.75 3.92
CA ASN B 220 -0.59 15.91 2.85
C ASN B 220 0.91 15.70 2.97
N GLY B 221 1.42 14.84 2.12
CA GLY B 221 2.87 14.66 2.03
C GLY B 221 3.43 14.74 0.66
N VAL B 222 4.73 15.04 0.61
CA VAL B 222 5.57 14.87 -0.54
C VAL B 222 6.65 13.86 -0.15
N ALA B 223 6.81 12.84 -0.96
CA ALA B 223 7.73 11.74 -0.70
C ALA B 223 8.82 11.73 -1.73
N PRO B 224 9.96 12.35 -1.40
CA PRO B 224 11.10 12.30 -2.29
C PRO B 224 11.65 10.92 -2.43
N GLY B 225 12.35 10.61 -3.52
N GLY B 225 12.10 10.63 -3.65
CA GLY B 225 13.03 9.31 -3.62
CA GLY B 225 12.99 9.53 -3.87
C GLY B 225 14.52 9.48 -3.36
C GLY B 225 14.31 10.21 -3.61
N VAL B 226 15.24 9.87 -4.40
N VAL B 226 15.39 9.73 -4.20
CA VAL B 226 16.58 10.36 -4.22
CA VAL B 226 16.67 10.34 -3.93
C VAL B 226 16.66 11.78 -4.73
C VAL B 226 16.74 11.72 -4.55
N SER B 227 17.10 12.65 -3.85
N SER B 227 17.17 12.67 -3.75
CA SER B 227 17.18 14.05 -4.19
CA SER B 227 17.21 14.04 -4.17
C SER B 227 18.62 14.53 -3.97
C SER B 227 18.42 14.77 -3.57
N LEU B 228 18.84 15.81 -4.25
CA LEU B 228 20.02 16.59 -3.83
C LEU B 228 21.04 15.82 -2.98
N LEU B 229 21.88 15.00 -3.60
CA LEU B 229 22.71 14.10 -2.86
C LEU B 229 23.71 14.93 -2.05
N PRO B 230 24.16 14.42 -0.89
CA PRO B 230 25.11 15.12 -0.04
C PRO B 230 26.35 15.56 -0.83
N VAL B 231 26.76 16.82 -0.74
CA VAL B 231 27.86 17.33 -1.57
C VAL B 231 29.10 16.48 -1.32
N ALA B 232 29.29 16.06 -0.06
CA ALA B 232 30.49 15.30 0.33
C ALA B 232 30.52 13.82 -0.06
N MET B 233 29.38 13.24 -0.43
CA MET B 233 29.35 11.84 -0.90
C MET B 233 30.18 11.78 -2.17
N GLY B 234 31.02 10.78 -2.29
CA GLY B 234 31.83 10.64 -3.52
C GLY B 234 30.92 10.51 -4.73
N GLU B 235 31.32 11.15 -5.84
CA GLU B 235 30.51 11.15 -7.06
C GLU B 235 30.24 9.72 -7.56
N GLU B 236 31.21 8.83 -7.35
CA GLU B 236 31.04 7.43 -7.71
C GLU B 236 29.91 6.76 -6.90
N GLU B 237 29.78 7.11 -5.61
CA GLU B 237 28.61 6.64 -4.80
C GLU B 237 27.33 7.33 -5.28
N LYS B 238 27.42 8.62 -5.58
CA LYS B 238 26.27 9.37 -6.12
C LYS B 238 25.72 8.75 -7.41
N ASP B 239 26.61 8.37 -8.33
CA ASP B 239 26.21 7.74 -9.57
C ASP B 239 25.55 6.37 -9.41
N LYS B 240 25.91 5.63 -8.36
CA LYS B 240 25.25 4.34 -8.09
C LYS B 240 23.77 4.61 -7.84
N TRP B 241 23.46 5.61 -7.06
CA TRP B 241 22.05 6.01 -6.82
C TRP B 241 21.39 6.58 -8.10
N ARG B 242 22.05 7.54 -8.72
CA ARG B 242 21.52 8.12 -9.93
C ARG B 242 21.16 7.11 -11.00
N ARG B 243 22.01 6.11 -11.18
CA ARG B 243 21.79 5.10 -12.21
C ARG B 243 20.53 4.29 -12.00
N LYS B 244 19.99 4.29 -10.79
CA LYS B 244 18.78 3.48 -10.49
C LYS B 244 17.47 4.18 -10.92
N VAL B 245 17.49 5.49 -11.15
CA VAL B 245 16.29 6.27 -11.38
C VAL B 245 15.88 6.15 -12.87
N PRO B 246 14.72 5.52 -13.14
CA PRO B 246 14.24 5.39 -14.52
C PRO B 246 14.15 6.73 -15.24
N LEU B 247 13.54 7.75 -14.61
CA LEU B 247 13.33 9.03 -15.25
C LEU B 247 14.59 9.94 -15.21
N GLY B 248 15.48 9.75 -16.17
CA GLY B 248 16.59 10.67 -16.43
C GLY B 248 17.89 10.27 -15.76
N ARG B 249 17.88 9.15 -15.02
CA ARG B 249 19.00 8.61 -14.29
C ARG B 249 19.71 9.70 -13.51
N ARG B 250 18.93 10.47 -12.78
CA ARG B 250 19.43 11.57 -11.96
C ARG B 250 18.50 11.70 -10.74
N GLU B 251 19.02 12.36 -9.70
CA GLU B 251 18.25 12.71 -8.53
C GLU B 251 17.30 13.91 -8.78
N ALA B 252 16.27 14.03 -7.97
CA ALA B 252 15.46 15.22 -7.99
C ALA B 252 16.25 16.40 -7.48
N SER B 253 16.06 17.55 -8.10
CA SER B 253 16.50 18.86 -7.55
C SER B 253 15.63 19.20 -6.37
N ALA B 254 16.11 20.10 -5.52
CA ALA B 254 15.32 20.55 -4.43
C ALA B 254 14.12 21.31 -4.91
N GLU B 255 14.26 22.00 -6.01
CA GLU B 255 13.16 22.79 -6.56
C GLU B 255 12.02 21.88 -7.07
N GLN B 256 12.39 20.73 -7.58
CA GLN B 256 11.40 19.77 -8.02
C GLN B 256 10.57 19.23 -6.84
N ILE B 257 11.23 18.98 -5.70
CA ILE B 257 10.54 18.61 -4.49
C ILE B 257 9.70 19.79 -4.10
N ALA B 258 10.28 21.02 -4.11
CA ALA B 258 9.47 22.19 -3.72
C ALA B 258 8.19 22.39 -4.57
N ASP B 259 8.30 22.10 -5.86
CA ASP B 259 7.14 22.26 -6.79
C ASP B 259 5.87 21.48 -6.34
N ALA B 260 6.09 20.26 -5.82
CA ALA B 260 4.99 19.44 -5.31
C ALA B 260 4.39 20.01 -4.03
N VAL B 261 5.25 20.61 -3.19
CA VAL B 261 4.79 21.26 -1.97
C VAL B 261 3.87 22.45 -2.32
N ILE B 262 4.34 23.29 -3.22
CA ILE B 262 3.58 24.42 -3.76
C ILE B 262 2.23 24.02 -4.32
N PHE B 263 2.19 22.95 -5.10
CA PHE B 263 0.93 22.41 -5.52
C PHE B 263 0.04 22.11 -4.38
N LEU B 264 0.51 21.33 -3.41
CA LEU B 264 -0.34 20.93 -2.28
C LEU B 264 -0.91 22.05 -1.43
N VAL B 265 -0.16 23.14 -1.33
CA VAL B 265 -0.62 24.32 -0.57
C VAL B 265 -1.54 25.25 -1.37
N SER B 266 -1.54 25.09 -2.70
CA SER B 266 -2.28 25.97 -3.62
C SER B 266 -3.78 25.73 -3.60
N GLY B 267 -4.55 26.66 -4.16
CA GLY B 267 -5.98 26.49 -4.38
C GLY B 267 -6.34 25.44 -5.44
N SER B 268 -5.35 24.98 -6.18
CA SER B 268 -5.56 23.84 -7.06
C SER B 268 -5.62 22.50 -6.33
N ALA B 269 -5.36 22.48 -5.01
CA ALA B 269 -5.32 21.22 -4.25
C ALA B 269 -6.33 21.23 -3.14
N GLN B 270 -7.39 21.99 -3.32
CA GLN B 270 -8.31 22.24 -2.22
C GLN B 270 -9.21 21.11 -1.76
N TYR B 271 -9.25 20.00 -2.49
CA TYR B 271 -9.97 18.82 -2.08
C TYR B 271 -9.00 17.69 -1.71
N ILE B 272 -7.69 17.95 -1.86
CA ILE B 272 -6.68 16.98 -1.60
C ILE B 272 -6.27 17.02 -0.13
N THR B 273 -6.54 15.92 0.58
CA THR B 273 -6.06 15.74 1.95
C THR B 273 -5.81 14.24 2.22
N GLY B 274 -4.74 13.99 2.96
CA GLY B 274 -4.34 12.64 3.27
C GLY B 274 -3.56 12.03 2.12
N SER B 275 -3.11 12.86 1.17
CA SER B 275 -2.49 12.30 -0.01
C SER B 275 -1.03 12.50 0.13
N ILE B 276 -0.24 11.50 -0.26
CA ILE B 276 1.19 11.61 -0.27
C ILE B 276 1.68 11.44 -1.72
N ILE B 277 2.32 12.48 -2.25
CA ILE B 277 2.72 12.48 -3.62
C ILE B 277 4.19 12.09 -3.73
N LYS B 278 4.46 10.97 -4.39
CA LYS B 278 5.83 10.61 -4.66
C LYS B 278 6.40 11.53 -5.70
N VAL B 279 7.63 12.00 -5.46
CA VAL B 279 8.39 12.75 -6.43
C VAL B 279 9.72 12.04 -6.58
N ASP B 280 9.71 10.97 -7.36
CA ASP B 280 10.82 10.00 -7.29
C ASP B 280 11.37 9.47 -8.60
N GLY B 281 10.91 10.04 -9.69
CA GLY B 281 11.46 9.59 -10.99
C GLY B 281 11.25 8.10 -11.27
N GLY B 282 10.29 7.48 -10.59
CA GLY B 282 10.02 6.06 -10.78
C GLY B 282 10.87 5.11 -9.92
N LEU B 283 11.79 5.65 -9.11
CA LEU B 283 12.73 4.83 -8.32
C LEU B 283 12.03 3.73 -7.51
N SER B 284 10.90 4.05 -6.86
CA SER B 284 10.21 3.11 -6.01
C SER B 284 9.58 1.95 -6.74
N LEU B 285 9.51 2.03 -8.05
CA LEU B 285 8.88 0.97 -8.89
C LEU B 285 9.89 -0.09 -9.33
N VAL B 286 11.15 0.21 -9.05
CA VAL B 286 12.27 -0.60 -9.52
C VAL B 286 12.63 -1.77 -8.57
N HIS B 287 12.47 -3.00 -9.02
CA HIS B 287 12.76 -4.13 -8.18
C HIS B 287 14.29 -4.28 -8.01
N ALA B 288 14.70 -5.13 -7.07
CA ALA B 288 16.14 -5.25 -6.72
C ALA B 288 16.88 -5.87 -7.89
N GLU C 22 -17.02 -38.07 4.50
CA GLU C 22 -16.79 -37.10 3.39
C GLU C 22 -15.60 -36.15 3.66
N ALA C 23 -14.51 -36.43 2.95
CA ALA C 23 -13.41 -35.52 2.83
C ALA C 23 -13.85 -34.29 2.04
N PRO C 24 -13.37 -33.09 2.44
CA PRO C 24 -13.65 -31.96 1.58
C PRO C 24 -12.94 -32.09 0.22
N ALA C 25 -13.35 -31.28 -0.76
CA ALA C 25 -12.77 -31.31 -2.12
C ALA C 25 -12.24 -29.94 -2.58
N ALA C 26 -11.13 -29.95 -3.33
CA ALA C 26 -10.48 -28.73 -3.80
C ALA C 26 -10.26 -28.77 -5.31
N VAL C 27 -10.40 -27.61 -5.97
CA VAL C 27 -9.95 -27.44 -7.36
C VAL C 27 -8.66 -26.61 -7.34
N VAL C 28 -7.65 -27.07 -8.06
CA VAL C 28 -6.42 -26.33 -8.24
C VAL C 28 -6.21 -26.28 -9.74
N THR C 29 -6.16 -25.04 -10.25
CA THR C 29 -5.95 -24.79 -11.67
C THR C 29 -4.45 -24.78 -11.93
N GLY C 30 -4.06 -25.27 -13.09
CA GLY C 30 -2.67 -25.40 -13.54
C GLY C 30 -1.86 -26.27 -12.58
N ALA C 31 -2.47 -27.39 -12.20
CA ALA C 31 -1.96 -28.23 -11.13
C ALA C 31 -1.02 -29.36 -11.57
N ALA C 32 -0.67 -29.42 -12.84
CA ALA C 32 0.11 -30.54 -13.36
C ALA C 32 1.58 -30.44 -13.00
N LYS C 33 2.05 -29.21 -12.83
CA LYS C 33 3.48 -29.00 -12.62
C LYS C 33 3.73 -27.98 -11.55
N ARG C 34 4.99 -27.94 -11.11
CA ARG C 34 5.56 -26.79 -10.43
C ARG C 34 4.72 -26.37 -9.20
N ILE C 35 4.32 -25.11 -9.05
CA ILE C 35 3.69 -24.69 -7.79
C ILE C 35 2.32 -25.28 -7.63
N GLY C 36 1.57 -25.36 -8.71
CA GLY C 36 0.21 -25.91 -8.63
C GLY C 36 0.25 -27.38 -8.28
N ARG C 37 1.23 -28.11 -8.80
CA ARG C 37 1.39 -29.51 -8.41
C ARG C 37 1.61 -29.64 -6.92
N ALA C 38 2.53 -28.83 -6.40
CA ALA C 38 2.87 -28.88 -4.97
C ALA C 38 1.64 -28.56 -4.12
N ILE C 39 0.84 -27.62 -4.59
CA ILE C 39 -0.40 -27.26 -3.91
C ILE C 39 -1.40 -28.44 -3.89
N ALA C 40 -1.56 -29.12 -5.02
CA ALA C 40 -2.54 -30.21 -5.07
C ALA C 40 -2.08 -31.35 -4.14
N VAL C 41 -0.79 -31.69 -4.23
CA VAL C 41 -0.19 -32.73 -3.41
C VAL C 41 -0.39 -32.46 -1.93
N LYS C 42 -0.06 -31.26 -1.49
CA LYS C 42 -0.14 -30.94 -0.09
C LYS C 42 -1.60 -30.93 0.36
N LEU C 43 -2.48 -30.40 -0.47
CA LEU C 43 -3.90 -30.44 -0.12
C LEU C 43 -4.33 -31.91 0.05
N HIS C 44 -3.87 -32.74 -0.85
CA HIS C 44 -4.26 -34.14 -0.83
C HIS C 44 -3.74 -34.78 0.47
N GLN C 45 -2.47 -34.52 0.79
CA GLN C 45 -1.85 -35.06 2.03
C GLN C 45 -2.61 -34.60 3.27
N THR C 46 -3.19 -33.41 3.23
CA THR C 46 -4.01 -32.88 4.31
C THR C 46 -5.38 -33.54 4.43
N GLY C 47 -5.78 -34.31 3.42
CA GLY C 47 -7.06 -35.03 3.49
C GLY C 47 -8.08 -34.60 2.44
N TYR C 48 -7.74 -33.61 1.61
CA TYR C 48 -8.61 -33.24 0.47
C TYR C 48 -8.62 -34.25 -0.67
N ARG C 49 -9.78 -34.36 -1.30
CA ARG C 49 -9.86 -34.87 -2.66
C ARG C 49 -9.67 -33.68 -3.61
N VAL C 50 -9.03 -33.91 -4.75
CA VAL C 50 -8.56 -32.82 -5.60
C VAL C 50 -8.95 -32.97 -7.07
N VAL C 51 -9.24 -31.84 -7.70
CA VAL C 51 -9.38 -31.77 -9.14
C VAL C 51 -8.11 -31.08 -9.61
N ILE C 52 -7.40 -31.78 -10.47
CA ILE C 52 -6.17 -31.29 -11.06
C ILE C 52 -6.49 -30.71 -12.46
N HIS C 53 -6.62 -29.38 -12.55
CA HIS C 53 -6.87 -28.75 -13.83
C HIS C 53 -5.55 -28.60 -14.56
N TYR C 54 -5.63 -28.70 -15.89
CA TYR C 54 -4.50 -28.58 -16.82
C TYR C 54 -4.99 -28.06 -18.17
N HIS C 55 -4.08 -27.50 -18.94
CA HIS C 55 -4.34 -27.00 -20.29
C HIS C 55 -3.59 -27.93 -21.24
N ASN C 56 -2.28 -27.75 -21.36
CA ASN C 56 -1.44 -28.58 -22.20
C ASN C 56 -0.78 -29.82 -21.53
N SER C 57 -0.63 -29.80 -20.22
CA SER C 57 0.14 -30.86 -19.56
C SER C 57 -0.73 -32.04 -19.11
N ALA C 58 -1.36 -32.75 -20.08
CA ALA C 58 -2.25 -33.87 -19.74
C ALA C 58 -1.50 -35.03 -19.10
N GLU C 59 -0.36 -35.35 -19.69
CA GLU C 59 0.45 -36.49 -19.23
C GLU C 59 0.90 -36.32 -17.78
N ALA C 60 1.40 -35.13 -17.46
CA ALA C 60 1.77 -34.76 -16.10
C ALA C 60 0.56 -34.72 -15.14
N ALA C 61 -0.58 -34.18 -15.60
CA ALA C 61 -1.79 -34.15 -14.76
C ALA C 61 -2.21 -35.54 -14.39
N VAL C 62 -2.23 -36.43 -15.40
CA VAL C 62 -2.60 -37.80 -15.15
C VAL C 62 -1.58 -38.58 -14.25
N SER C 63 -0.27 -38.40 -14.43
CA SER C 63 0.63 -39.09 -13.51
C SER C 63 0.52 -38.55 -12.10
N LEU C 64 0.16 -37.27 -11.90
CA LEU C 64 -0.13 -36.81 -10.55
C LEU C 64 -1.36 -37.53 -9.98
N ALA C 65 -2.44 -37.61 -10.76
CA ALA C 65 -3.68 -38.20 -10.31
C ALA C 65 -3.43 -39.66 -10.01
N ASP C 66 -2.59 -40.30 -10.83
CA ASP C 66 -2.24 -41.69 -10.60
C ASP C 66 -1.58 -41.81 -9.22
N GLU C 67 -0.49 -41.09 -9.00
CA GLU C 67 0.20 -41.05 -7.70
C GLU C 67 -0.73 -40.82 -6.50
N LEU C 68 -1.61 -39.84 -6.62
CA LEU C 68 -2.51 -39.51 -5.53
C LEU C 68 -3.56 -40.59 -5.27
N ASN C 69 -4.10 -41.19 -6.34
CA ASN C 69 -5.13 -42.21 -6.20
C ASN C 69 -4.51 -43.56 -5.77
N LYS C 70 -3.22 -43.74 -6.04
CA LYS C 70 -2.48 -44.83 -5.43
C LYS C 70 -2.42 -44.70 -3.91
N GLU C 71 -2.21 -43.49 -3.38
CA GLU C 71 -2.27 -43.31 -1.92
C GLU C 71 -3.68 -43.56 -1.39
N ARG C 72 -4.66 -42.90 -1.99
CA ARG C 72 -6.06 -43.01 -1.61
C ARG C 72 -6.94 -43.12 -2.85
N SER C 73 -7.57 -44.28 -3.01
CA SER C 73 -8.37 -44.56 -4.20
C SER C 73 -9.50 -43.51 -4.43
N ASN C 74 -9.70 -43.14 -5.71
CA ASN C 74 -10.78 -42.20 -6.12
C ASN C 74 -10.81 -40.88 -5.34
N THR C 75 -9.67 -40.26 -5.16
CA THR C 75 -9.60 -38.96 -4.49
C THR C 75 -8.93 -37.86 -5.33
N ALA C 76 -8.57 -38.17 -6.58
CA ALA C 76 -7.91 -37.27 -7.53
C ALA C 76 -8.50 -37.46 -8.93
N VAL C 77 -9.02 -36.39 -9.55
CA VAL C 77 -9.44 -36.45 -10.94
C VAL C 77 -8.80 -35.29 -11.70
N VAL C 78 -8.71 -35.42 -13.03
CA VAL C 78 -8.18 -34.33 -13.89
C VAL C 78 -9.28 -33.60 -14.65
N CYS C 79 -8.99 -32.36 -15.08
CA CYS C 79 -9.92 -31.54 -15.79
C CYS C 79 -9.21 -30.58 -16.71
N GLN C 80 -9.53 -30.69 -18.00
CA GLN C 80 -8.84 -29.92 -19.01
C GLN C 80 -9.61 -28.68 -19.34
N ALA C 81 -8.90 -27.54 -19.39
CA ALA C 81 -9.49 -26.31 -19.94
C ALA C 81 -8.46 -25.25 -20.35
N ASP C 82 -8.72 -24.55 -21.45
CA ASP C 82 -8.01 -23.36 -21.78
C ASP C 82 -8.62 -22.23 -20.96
N LEU C 83 -7.78 -21.41 -20.31
CA LEU C 83 -8.32 -20.34 -19.46
C LEU C 83 -8.07 -18.95 -20.10
N THR C 84 -7.66 -18.94 -21.38
CA THR C 84 -7.65 -17.75 -22.22
C THR C 84 -9.02 -17.07 -22.22
N ASN C 85 -9.06 -15.75 -22.20
CA ASN C 85 -10.35 -15.09 -22.25
C ASN C 85 -10.99 -15.33 -23.66
N SER C 86 -12.26 -15.63 -23.67
CA SER C 86 -13.04 -15.90 -24.90
C SER C 86 -14.53 -15.94 -24.56
N ASN C 87 -15.35 -16.12 -25.61
CA ASN C 87 -16.81 -16.27 -25.44
C ASN C 87 -17.21 -17.52 -24.69
N VAL C 88 -16.37 -18.55 -24.75
CA VAL C 88 -16.61 -19.83 -24.07
C VAL C 88 -16.00 -19.96 -22.65
N LEU C 89 -15.14 -19.01 -22.27
CA LEU C 89 -14.48 -19.10 -20.98
C LEU C 89 -15.48 -19.26 -19.83
N PRO C 90 -16.57 -18.49 -19.82
CA PRO C 90 -17.48 -18.75 -18.73
C PRO C 90 -17.93 -20.17 -18.63
N ALA C 91 -18.31 -20.75 -19.76
CA ALA C 91 -18.76 -22.14 -19.76
C ALA C 91 -17.63 -23.05 -19.29
N SER C 92 -16.42 -22.85 -19.79
CA SER C 92 -15.31 -23.68 -19.31
C SER C 92 -15.15 -23.61 -17.77
N CYS C 93 -15.32 -22.42 -17.19
CA CYS C 93 -15.06 -22.21 -15.76
C CYS C 93 -16.18 -22.82 -14.97
N GLU C 94 -17.38 -22.68 -15.50
CA GLU C 94 -18.50 -23.36 -14.89
C GLU C 94 -18.25 -24.83 -14.86
N GLU C 95 -17.60 -25.35 -15.88
CA GLU C 95 -17.46 -26.80 -15.99
C GLU C 95 -16.34 -27.37 -15.11
N ILE C 96 -15.35 -26.54 -14.85
CA ILE C 96 -14.28 -26.90 -13.92
C ILE C 96 -14.91 -27.05 -12.54
N ILE C 97 -15.72 -26.09 -12.14
CA ILE C 97 -16.43 -26.27 -10.89
C ILE C 97 -17.33 -27.51 -10.94
N ASN C 98 -18.11 -27.68 -12.00
CA ASN C 98 -19.01 -28.83 -12.10
C ASN C 98 -18.28 -30.17 -11.95
N SER C 99 -17.08 -30.25 -12.51
N SER C 99 -17.09 -30.24 -12.51
CA SER C 99 -16.28 -31.47 -12.43
CA SER C 99 -16.29 -31.46 -12.45
C SER C 99 -15.97 -31.86 -10.99
C SER C 99 -15.92 -31.85 -11.01
N CYS C 100 -15.74 -30.86 -10.14
CA CYS C 100 -15.45 -31.15 -8.72
C CYS C 100 -16.74 -31.73 -8.05
N PHE C 101 -17.87 -31.09 -8.27
CA PHE C 101 -19.15 -31.60 -7.75
C PHE C 101 -19.49 -32.98 -8.34
N ARG C 102 -19.16 -33.21 -9.60
CA ARG C 102 -19.45 -34.48 -10.23
C ARG C 102 -18.55 -35.60 -9.64
N ALA C 103 -17.29 -35.29 -9.43
CA ALA C 103 -16.36 -36.30 -8.95
C ALA C 103 -16.61 -36.60 -7.48
N PHE C 104 -16.94 -35.57 -6.70
CA PHE C 104 -16.82 -35.66 -5.26
C PHE C 104 -18.02 -35.18 -4.48
N GLY C 105 -19.02 -34.60 -5.14
CA GLY C 105 -20.26 -34.20 -4.45
C GLY C 105 -20.20 -32.86 -3.72
N ARG C 106 -19.05 -32.18 -3.80
CA ARG C 106 -18.90 -30.92 -3.09
C ARG C 106 -17.69 -30.19 -3.65
N CYS C 107 -17.58 -28.91 -3.33
CA CYS C 107 -16.38 -28.11 -3.69
C CYS C 107 -16.13 -27.11 -2.57
N ASP C 108 -15.07 -27.38 -1.80
CA ASP C 108 -14.76 -26.62 -0.58
C ASP C 108 -13.77 -25.51 -0.84
N VAL C 109 -12.83 -25.77 -1.73
CA VAL C 109 -11.67 -24.90 -1.95
C VAL C 109 -11.41 -24.75 -3.45
N LEU C 110 -11.11 -23.52 -3.85
CA LEU C 110 -10.70 -23.20 -5.22
C LEU C 110 -9.35 -22.50 -5.08
N VAL C 111 -8.34 -23.00 -5.78
CA VAL C 111 -7.05 -22.36 -5.87
C VAL C 111 -6.76 -21.92 -7.32
N ASN C 112 -6.68 -20.59 -7.51
CA ASN C 112 -6.46 -20.00 -8.81
C ASN C 112 -4.95 -19.80 -8.96
N ASN C 113 -4.36 -20.79 -9.60
CA ASN C 113 -2.92 -20.88 -9.74
C ASN C 113 -2.45 -20.69 -11.15
N ALA C 114 -3.21 -21.24 -12.13
CA ALA C 114 -2.81 -21.20 -13.55
C ALA C 114 -2.52 -19.81 -14.01
N SER C 115 -1.48 -19.64 -14.79
CA SER C 115 -1.07 -18.31 -15.21
C SER C 115 -0.15 -18.30 -16.40
N ALA C 116 -0.45 -17.42 -17.33
CA ALA C 116 0.47 -17.13 -18.41
C ALA C 116 1.39 -16.00 -18.02
N PHE C 117 2.63 -16.07 -18.51
CA PHE C 117 3.64 -15.19 -18.08
C PHE C 117 4.65 -15.07 -19.20
N TYR C 118 4.62 -13.92 -19.87
CA TYR C 118 5.62 -13.59 -20.88
C TYR C 118 5.59 -12.09 -21.15
N PRO C 119 6.65 -11.55 -21.74
CA PRO C 119 6.69 -10.10 -21.92
C PRO C 119 5.75 -9.59 -22.99
N THR C 120 5.28 -8.35 -22.83
CA THR C 120 4.50 -7.67 -23.83
C THR C 120 4.96 -6.23 -23.90
N PRO C 121 6.12 -5.98 -24.54
CA PRO C 121 6.70 -4.64 -24.57
C PRO C 121 5.71 -3.61 -25.09
N LEU C 122 5.73 -2.41 -24.54
CA LEU C 122 4.82 -1.38 -25.00
C LEU C 122 5.29 -0.79 -26.34
N VAL C 123 6.60 -0.81 -26.58
CA VAL C 123 7.19 -0.20 -27.76
C VAL C 123 7.92 -1.29 -28.49
N GLN C 124 7.87 -1.23 -29.83
CA GLN C 124 8.39 -2.29 -30.73
C GLN C 124 9.79 -1.97 -31.27
N GLY C 133 4.82 -14.75 -33.92
CA GLY C 133 4.29 -14.49 -32.59
C GLY C 133 2.81 -14.11 -32.53
N LYS C 134 2.37 -13.74 -31.33
CA LYS C 134 0.95 -13.56 -31.06
C LYS C 134 0.54 -12.12 -31.29
N THR C 135 -0.69 -11.92 -31.74
CA THR C 135 -1.23 -10.58 -31.81
C THR C 135 -1.36 -10.00 -30.39
N VAL C 136 -1.36 -8.69 -30.27
CA VAL C 136 -1.61 -8.07 -28.97
C VAL C 136 -2.95 -8.52 -28.37
N GLU C 137 -3.97 -8.70 -29.21
CA GLU C 137 -5.29 -9.07 -28.67
C GLU C 137 -5.28 -10.50 -28.10
N THR C 138 -4.42 -11.36 -28.64
CA THR C 138 -4.26 -12.71 -28.11
C THR C 138 -3.52 -12.66 -26.75
N GLN C 139 -2.48 -11.83 -26.70
CA GLN C 139 -1.72 -11.57 -25.46
C GLN C 139 -2.64 -11.08 -24.36
N VAL C 140 -3.47 -10.12 -24.68
CA VAL C 140 -4.48 -9.63 -23.75
C VAL C 140 -5.35 -10.80 -23.27
N ALA C 141 -5.82 -11.62 -24.23
CA ALA C 141 -6.67 -12.73 -23.87
C ALA C 141 -6.00 -13.74 -22.95
N GLU C 142 -4.77 -14.13 -23.22
CA GLU C 142 -4.15 -15.17 -22.40
C GLU C 142 -3.70 -14.63 -21.03
N LEU C 143 -3.10 -13.44 -21.04
CA LEU C 143 -2.45 -12.89 -19.83
C LEU C 143 -3.50 -12.35 -18.90
N ILE C 144 -4.45 -11.61 -19.42
CA ILE C 144 -5.55 -11.14 -18.60
C ILE C 144 -6.59 -12.26 -18.28
N GLY C 145 -6.86 -13.15 -19.23
CA GLY C 145 -7.71 -14.28 -18.93
C GLY C 145 -7.21 -15.22 -17.84
N THR C 146 -5.98 -15.72 -17.95
CA THR C 146 -5.47 -16.69 -16.98
C THR C 146 -5.33 -16.08 -15.58
N ASN C 147 -4.86 -14.84 -15.51
CA ASN C 147 -4.45 -14.22 -14.24
C ASN C 147 -5.60 -13.47 -13.56
N ALA C 148 -6.71 -13.24 -14.25
CA ALA C 148 -7.78 -12.43 -13.72
C ALA C 148 -9.22 -12.81 -14.06
N ILE C 149 -9.53 -12.89 -15.35
CA ILE C 149 -10.91 -13.15 -15.76
C ILE C 149 -11.38 -14.58 -15.42
N ALA C 150 -10.53 -15.56 -15.67
CA ALA C 150 -10.87 -16.92 -15.30
C ALA C 150 -11.00 -17.04 -13.79
N PRO C 151 -10.08 -16.42 -13.03
CA PRO C 151 -10.31 -16.47 -11.61
C PRO C 151 -11.64 -15.84 -11.17
N PHE C 152 -12.07 -14.80 -11.87
CA PHE C 152 -13.35 -14.15 -11.56
C PHE C 152 -14.50 -15.12 -11.84
N LEU C 153 -14.43 -15.78 -13.00
CA LEU C 153 -15.52 -16.64 -13.49
C LEU C 153 -15.63 -17.92 -12.65
N LEU C 154 -14.47 -18.47 -12.32
CA LEU C 154 -14.38 -19.58 -11.35
C LEU C 154 -14.90 -19.24 -9.97
N THR C 155 -14.61 -18.02 -9.53
CA THR C 155 -15.12 -17.49 -8.29
C THR C 155 -16.66 -17.40 -8.37
N MET C 156 -17.19 -16.83 -9.43
CA MET C 156 -18.64 -16.80 -9.64
C MET C 156 -19.29 -18.18 -9.58
N SER C 157 -18.78 -19.12 -10.36
CA SER C 157 -19.34 -20.46 -10.40
C SER C 157 -19.20 -21.18 -9.05
N PHE C 158 -18.07 -20.95 -8.35
CA PHE C 158 -17.83 -21.59 -7.06
C PHE C 158 -18.89 -21.13 -6.10
N ALA C 159 -19.14 -19.83 -6.08
CA ALA C 159 -20.03 -19.23 -5.09
C ALA C 159 -21.47 -19.58 -5.44
N GLN C 160 -21.78 -19.57 -6.72
CA GLN C 160 -23.12 -19.87 -7.19
C GLN C 160 -23.56 -21.29 -6.78
N ARG C 161 -22.65 -22.26 -6.89
CA ARG C 161 -22.95 -23.68 -6.68
C ARG C 161 -23.06 -24.10 -5.23
N GLN C 162 -23.03 -23.17 -4.29
CA GLN C 162 -22.95 -23.62 -2.93
C GLN C 162 -24.32 -23.98 -2.36
N SER C 172 -18.67 -26.45 7.85
CA SER C 172 -17.97 -26.20 6.58
C SER C 172 -16.93 -25.05 6.65
N ASN C 173 -15.96 -25.13 5.75
CA ASN C 173 -14.86 -24.17 5.70
C ASN C 173 -14.50 -23.93 4.25
N LEU C 174 -15.31 -23.10 3.62
CA LEU C 174 -15.16 -22.76 2.22
C LEU C 174 -14.21 -21.58 2.08
N SER C 175 -13.24 -21.69 1.20
CA SER C 175 -12.40 -20.56 0.86
C SER C 175 -11.79 -20.69 -0.53
N ILE C 176 -11.31 -19.55 -1.00
CA ILE C 176 -10.61 -19.46 -2.26
C ILE C 176 -9.23 -18.90 -2.01
N VAL C 177 -8.21 -19.39 -2.72
CA VAL C 177 -6.89 -18.80 -2.57
C VAL C 177 -6.34 -18.46 -3.96
N ASN C 178 -6.05 -17.18 -4.17
CA ASN C 178 -5.50 -16.74 -5.41
C ASN C 178 -3.96 -16.60 -5.34
N LEU C 179 -3.29 -17.13 -6.36
CA LEU C 179 -1.84 -17.05 -6.44
C LEU C 179 -1.52 -15.69 -7.06
N CYS C 180 -0.97 -14.81 -6.20
CA CYS C 180 -0.70 -13.42 -6.55
C CYS C 180 0.80 -13.24 -6.88
N ASP C 181 1.39 -12.10 -6.51
CA ASP C 181 2.72 -11.69 -6.97
C ASP C 181 3.18 -10.64 -5.99
N ALA C 182 4.18 -11.00 -5.22
CA ALA C 182 4.68 -10.11 -4.20
C ALA C 182 5.29 -8.84 -4.83
N MET C 183 5.74 -8.95 -6.10
CA MET C 183 6.40 -7.87 -6.85
C MET C 183 5.42 -7.15 -7.76
N VAL C 184 4.13 -7.20 -7.39
CA VAL C 184 3.09 -6.56 -8.16
C VAL C 184 3.30 -5.05 -8.31
N ASP C 185 3.99 -4.41 -7.37
CA ASP C 185 4.25 -2.98 -7.41
C ASP C 185 5.65 -2.58 -7.76
N GLN C 186 6.47 -3.56 -8.10
CA GLN C 186 7.83 -3.40 -8.52
C GLN C 186 8.03 -4.42 -9.67
N PRO C 187 7.29 -4.22 -10.76
CA PRO C 187 7.13 -5.21 -11.81
C PRO C 187 8.37 -5.39 -12.69
N CYS C 188 8.44 -6.55 -13.33
CA CYS C 188 9.40 -6.85 -14.37
C CYS C 188 9.22 -5.91 -15.54
N MET C 189 10.31 -5.51 -16.13
CA MET C 189 10.32 -4.56 -17.26
C MET C 189 9.66 -5.18 -18.49
N ALA C 190 8.73 -4.47 -19.14
CA ALA C 190 8.00 -4.95 -20.33
C ALA C 190 6.94 -6.05 -20.11
N PHE C 191 6.46 -6.19 -18.87
CA PHE C 191 5.49 -7.20 -18.55
C PHE C 191 4.16 -6.60 -18.11
N SER C 192 3.77 -5.50 -18.77
CA SER C 192 2.64 -4.70 -18.31
CA SER C 192 2.62 -4.68 -18.38
C SER C 192 1.35 -5.50 -18.32
N LEU C 193 1.11 -6.33 -19.35
CA LEU C 193 -0.15 -7.09 -19.38
C LEU C 193 -0.22 -8.14 -18.27
N TYR C 194 0.84 -8.91 -18.09
CA TYR C 194 0.94 -9.85 -16.96
C TYR C 194 0.69 -9.07 -15.68
N ASN C 195 1.34 -7.91 -15.53
CA ASN C 195 1.26 -7.15 -14.29
C ASN C 195 -0.13 -6.60 -14.06
N MET C 196 -0.76 -6.15 -15.15
CA MET C 196 -2.19 -5.69 -15.06
C MET C 196 -3.09 -6.83 -14.57
N GLY C 197 -2.82 -8.04 -15.07
CA GLY C 197 -3.54 -9.24 -14.68
C GLY C 197 -3.43 -9.53 -13.16
N LYS C 198 -2.19 -9.50 -12.65
CA LYS C 198 -1.93 -9.72 -11.24
C LYS C 198 -2.48 -8.62 -10.35
N HIS C 199 -2.43 -7.38 -10.81
CA HIS C 199 -3.13 -6.31 -10.09
C HIS C 199 -4.63 -6.51 -10.04
N ALA C 200 -5.22 -6.83 -11.19
CA ALA C 200 -6.63 -7.21 -11.22
C ALA C 200 -6.97 -8.34 -10.23
N LEU C 201 -6.09 -9.31 -10.15
CA LEU C 201 -6.28 -10.45 -9.22
C LEU C 201 -6.30 -9.99 -7.75
N VAL C 202 -5.45 -8.99 -7.40
CA VAL C 202 -5.61 -8.32 -6.11
C VAL C 202 -7.00 -7.79 -5.89
N GLY C 203 -7.46 -6.95 -6.83
CA GLY C 203 -8.84 -6.44 -6.83
C GLY C 203 -9.90 -7.49 -6.62
N LEU C 204 -9.76 -8.60 -7.34
CA LEU C 204 -10.72 -9.66 -7.26
C LEU C 204 -10.67 -10.27 -5.87
N THR C 205 -9.46 -10.45 -5.35
CA THR C 205 -9.28 -11.09 -4.03
C THR C 205 -10.11 -10.29 -3.00
N GLN C 206 -9.99 -8.97 -3.09
CA GLN C 206 -10.52 -8.10 -2.07
C GLN C 206 -12.01 -7.96 -2.35
N SER C 207 -12.40 -7.73 -3.60
CA SER C 207 -13.85 -7.55 -3.93
C SER C 207 -14.67 -8.77 -3.56
N ALA C 208 -14.14 -9.93 -3.92
CA ALA C 208 -14.78 -11.19 -3.66
C ALA C 208 -14.75 -11.53 -2.16
N ALA C 209 -13.67 -11.22 -1.42
CA ALA C 209 -13.72 -11.37 0.05
C ALA C 209 -14.90 -10.60 0.65
N LEU C 210 -15.02 -9.33 0.25
CA LEU C 210 -16.11 -8.48 0.75
C LEU C 210 -17.51 -9.04 0.45
N GLU C 211 -17.70 -9.41 -0.79
CA GLU C 211 -19.01 -9.79 -1.31
C GLU C 211 -19.40 -11.19 -0.89
N LEU C 212 -18.45 -12.10 -0.68
CA LEU C 212 -18.81 -13.49 -0.36
C LEU C 212 -18.68 -13.80 1.15
N ALA C 213 -18.20 -12.85 1.92
CA ALA C 213 -18.18 -13.02 3.42
C ALA C 213 -19.54 -13.44 4.02
N PRO C 214 -20.65 -12.83 3.57
CA PRO C 214 -21.95 -13.26 4.09
C PRO C 214 -22.26 -14.74 3.79
N TYR C 215 -21.66 -15.30 2.76
CA TYR C 215 -21.81 -16.72 2.45
C TYR C 215 -20.87 -17.61 3.22
N GLY C 216 -20.05 -17.04 4.07
CA GLY C 216 -19.01 -17.81 4.76
C GLY C 216 -17.85 -18.21 3.86
N ILE C 217 -17.76 -17.63 2.67
CA ILE C 217 -16.67 -18.00 1.77
C ILE C 217 -15.57 -16.96 1.97
N ARG C 218 -14.38 -17.43 2.40
CA ARG C 218 -13.21 -16.62 2.61
C ARG C 218 -12.44 -16.56 1.29
N VAL C 219 -11.82 -15.43 1.02
CA VAL C 219 -11.05 -15.22 -0.20
C VAL C 219 -9.71 -14.56 0.11
N ASN C 220 -8.63 -15.26 -0.17
CA ASN C 220 -7.35 -14.79 0.24
C ASN C 220 -6.33 -15.04 -0.85
N GLY C 221 -5.13 -14.52 -0.66
CA GLY C 221 -4.07 -14.76 -1.60
C GLY C 221 -2.75 -15.18 -1.02
N VAL C 222 -1.93 -15.79 -1.89
CA VAL C 222 -0.56 -16.10 -1.60
C VAL C 222 0.29 -15.49 -2.70
N ALA C 223 1.30 -14.71 -2.30
CA ALA C 223 2.12 -13.93 -3.21
C ALA C 223 3.59 -14.36 -3.14
N PRO C 224 4.01 -15.25 -4.04
CA PRO C 224 5.44 -15.60 -4.21
C PRO C 224 6.21 -14.43 -4.82
N GLY C 225 7.51 -14.42 -4.62
CA GLY C 225 8.36 -13.37 -5.13
C GLY C 225 9.11 -14.11 -6.20
N VAL C 226 10.20 -14.74 -5.81
CA VAL C 226 10.95 -15.66 -6.70
C VAL C 226 10.85 -17.05 -6.07
N SER C 227 10.14 -17.93 -6.76
CA SER C 227 9.98 -19.33 -6.38
C SER C 227 10.57 -20.06 -7.58
N LEU C 228 9.98 -21.19 -7.99
CA LEU C 228 10.59 -21.99 -9.08
C LEU C 228 10.80 -21.15 -10.32
N LEU C 229 12.05 -21.18 -10.79
CA LEU C 229 12.44 -20.35 -11.90
C LEU C 229 11.88 -20.88 -13.22
N PRO C 230 11.56 -19.98 -14.16
CA PRO C 230 10.99 -20.45 -15.42
C PRO C 230 11.96 -21.41 -16.12
N VAL C 231 11.41 -22.49 -16.66
CA VAL C 231 12.25 -23.56 -17.22
C VAL C 231 13.08 -23.03 -18.39
N ALA C 232 12.50 -22.09 -19.11
CA ALA C 232 13.19 -21.45 -20.24
C ALA C 232 14.41 -20.64 -19.80
N MET C 233 14.39 -20.12 -18.58
CA MET C 233 15.43 -19.21 -18.11
C MET C 233 16.80 -19.87 -18.12
N GLY C 234 17.80 -19.13 -18.60
CA GLY C 234 19.18 -19.58 -18.55
C GLY C 234 19.70 -19.60 -17.13
N GLU C 235 20.56 -20.59 -16.88
CA GLU C 235 21.12 -20.85 -15.55
C GLU C 235 21.71 -19.65 -14.82
N GLU C 236 22.41 -18.80 -15.56
CA GLU C 236 23.04 -17.62 -15.00
C GLU C 236 21.99 -16.53 -14.63
N GLU C 237 20.95 -16.39 -15.44
CA GLU C 237 19.89 -15.44 -15.11
C GLU C 237 19.16 -15.93 -13.84
N LYS C 238 19.07 -17.25 -13.71
CA LYS C 238 18.43 -17.87 -12.56
C LYS C 238 19.15 -17.49 -11.27
N ASP C 239 20.49 -17.55 -11.29
CA ASP C 239 21.27 -17.11 -10.13
C ASP C 239 21.22 -15.60 -9.94
N LYS C 240 21.07 -14.83 -11.01
CA LYS C 240 20.89 -13.39 -10.83
C LYS C 240 19.65 -13.12 -9.94
N TRP C 241 18.57 -13.85 -10.18
CA TRP C 241 17.32 -13.71 -9.40
C TRP C 241 17.48 -14.20 -7.95
N ARG C 242 18.16 -15.36 -7.78
CA ARG C 242 18.39 -15.99 -6.48
C ARG C 242 19.18 -15.08 -5.55
N ARG C 243 20.14 -14.37 -6.12
CA ARG C 243 21.00 -13.49 -5.37
C ARG C 243 20.25 -12.26 -4.81
N LYS C 244 19.09 -11.92 -5.38
CA LYS C 244 18.30 -10.75 -4.90
C LYS C 244 17.60 -11.00 -3.55
N VAL C 245 17.41 -12.28 -3.20
CA VAL C 245 16.55 -12.67 -2.05
C VAL C 245 17.28 -12.57 -0.72
N PRO C 246 16.81 -11.69 0.19
CA PRO C 246 17.58 -11.51 1.45
C PRO C 246 17.65 -12.76 2.32
N LEU C 247 16.52 -13.45 2.46
CA LEU C 247 16.46 -14.64 3.28
C LEU C 247 16.98 -15.84 2.51
N GLY C 248 18.31 -16.04 2.60
CA GLY C 248 18.94 -17.25 2.10
C GLY C 248 19.51 -17.16 0.68
N ARG C 249 19.33 -16.04 0.01
CA ARG C 249 19.79 -15.89 -1.39
C ARG C 249 19.38 -17.08 -2.25
N ARG C 250 18.13 -17.54 -2.10
CA ARG C 250 17.62 -18.64 -2.91
C ARG C 250 16.10 -18.45 -3.12
N GLU C 251 15.56 -19.22 -4.05
CA GLU C 251 14.12 -19.23 -4.36
C GLU C 251 13.32 -20.04 -3.38
N ALA C 252 12.04 -19.69 -3.20
CA ALA C 252 11.14 -20.56 -2.45
C ALA C 252 10.93 -21.82 -3.23
N SER C 253 10.93 -22.93 -2.54
CA SER C 253 10.45 -24.16 -3.12
C SER C 253 8.91 -24.09 -3.30
N ALA C 254 8.39 -24.93 -4.17
CA ALA C 254 6.97 -24.98 -4.43
C ALA C 254 6.23 -25.34 -3.15
N GLU C 255 6.83 -26.24 -2.38
N GLU C 255 6.84 -26.23 -2.38
CA GLU C 255 6.27 -26.65 -1.10
CA GLU C 255 6.28 -26.66 -1.12
C GLU C 255 6.08 -25.50 -0.11
C GLU C 255 6.10 -25.51 -0.11
N GLN C 256 7.05 -24.57 -0.10
CA GLN C 256 6.98 -23.40 0.80
C GLN C 256 5.82 -22.48 0.40
N ILE C 257 5.60 -22.33 -0.90
CA ILE C 257 4.38 -21.64 -1.39
C ILE C 257 3.10 -22.38 -0.97
N ALA C 258 3.12 -23.69 -1.13
CA ALA C 258 1.98 -24.51 -0.79
C ALA C 258 1.60 -24.46 0.69
N ASP C 259 2.61 -24.32 1.54
CA ASP C 259 2.42 -24.25 3.00
C ASP C 259 1.52 -23.08 3.35
N ALA C 260 1.67 -21.93 2.65
CA ALA C 260 0.85 -20.77 2.92
C ALA C 260 -0.55 -20.97 2.46
N VAL C 261 -0.68 -21.71 1.36
CA VAL C 261 -2.01 -22.11 0.88
C VAL C 261 -2.76 -23.01 1.87
N ILE C 262 -2.08 -24.06 2.32
CA ILE C 262 -2.62 -24.92 3.39
C ILE C 262 -3.07 -24.15 4.64
N PHE C 263 -2.26 -23.19 5.10
CA PHE C 263 -2.65 -22.40 6.24
C PHE C 263 -3.98 -21.64 5.99
N LEU C 264 -4.07 -20.99 4.84
CA LEU C 264 -5.22 -20.16 4.54
C LEU C 264 -6.51 -20.96 4.42
N VAL C 265 -6.45 -22.19 3.88
CA VAL C 265 -7.65 -23.02 3.77
C VAL C 265 -8.01 -23.68 5.10
N SER C 266 -7.08 -23.66 6.08
CA SER C 266 -7.25 -24.42 7.34
C SER C 266 -8.19 -23.75 8.32
N GLY C 267 -8.55 -24.49 9.37
CA GLY C 267 -9.37 -23.92 10.43
C GLY C 267 -8.63 -22.87 11.23
N SER C 268 -7.30 -22.84 11.09
CA SER C 268 -6.51 -21.89 11.85
CA SER C 268 -6.45 -21.88 11.80
C SER C 268 -6.45 -20.52 11.15
N ALA C 269 -7.21 -20.37 10.04
CA ALA C 269 -7.37 -19.08 9.33
C ALA C 269 -8.87 -18.72 9.17
N GLN C 270 -9.72 -19.21 10.05
CA GLN C 270 -11.16 -18.95 9.87
C GLN C 270 -11.67 -17.50 10.01
N TYR C 271 -10.86 -16.56 10.52
CA TYR C 271 -11.21 -15.15 10.52
C TYR C 271 -10.47 -14.33 9.43
N ILE C 272 -9.60 -14.99 8.67
CA ILE C 272 -8.79 -14.39 7.66
C ILE C 272 -9.48 -14.38 6.29
N THR C 273 -9.76 -13.17 5.84
CA THR C 273 -10.30 -13.00 4.49
C THR C 273 -9.88 -11.66 3.95
N GLY C 274 -9.64 -11.64 2.64
CA GLY C 274 -9.08 -10.48 1.98
C GLY C 274 -7.61 -10.26 2.23
N SER C 275 -6.89 -11.28 2.72
CA SER C 275 -5.51 -11.12 3.08
C SER C 275 -4.68 -11.74 2.00
N ILE C 276 -3.56 -11.11 1.66
CA ILE C 276 -2.60 -11.65 0.73
C ILE C 276 -1.30 -11.75 1.50
N ILE C 277 -0.78 -12.99 1.62
CA ILE C 277 0.37 -13.32 2.36
C ILE C 277 1.52 -13.44 1.39
N LYS C 278 2.53 -12.56 1.53
CA LYS C 278 3.80 -12.67 0.76
C LYS C 278 4.62 -13.84 1.28
N VAL C 279 5.18 -14.61 0.36
CA VAL C 279 6.11 -15.69 0.68
C VAL C 279 7.29 -15.46 -0.27
N ASP C 280 8.10 -14.46 0.07
CA ASP C 280 9.06 -13.86 -0.80
C ASP C 280 10.45 -13.72 -0.25
N GLY C 281 10.69 -14.18 0.98
CA GLY C 281 12.06 -14.12 1.54
C GLY C 281 12.56 -12.68 1.69
N GLY C 282 11.63 -11.72 1.71
CA GLY C 282 11.99 -10.33 1.88
C GLY C 282 12.26 -9.64 0.57
N LEU C 283 12.09 -10.32 -0.55
CA LEU C 283 12.46 -9.69 -1.83
C LEU C 283 11.73 -8.38 -2.13
N SER C 284 10.43 -8.27 -1.82
CA SER C 284 9.70 -7.02 -2.15
C SER C 284 10.18 -5.83 -1.31
N LEU C 285 10.93 -6.08 -0.24
CA LEU C 285 11.43 -5.01 0.63
C LEU C 285 12.74 -4.37 0.13
N VAL C 286 13.31 -4.94 -0.91
CA VAL C 286 14.67 -4.54 -1.31
C VAL C 286 14.61 -3.43 -2.35
N HIS C 287 15.14 -2.25 -2.05
CA HIS C 287 15.22 -1.18 -3.04
C HIS C 287 16.15 -1.53 -4.22
N ALA C 288 16.01 -0.78 -5.31
CA ALA C 288 16.92 -0.89 -6.49
C ALA C 288 18.37 -0.85 -6.15
N GLU D 22 15.51 -30.56 23.00
CA GLU D 22 15.17 -29.41 23.90
C GLU D 22 14.16 -28.43 23.29
N ALA D 23 13.32 -27.87 24.16
CA ALA D 23 12.24 -27.01 23.75
C ALA D 23 12.67 -25.57 23.45
N PRO D 24 12.16 -25.02 22.36
CA PRO D 24 12.46 -23.62 22.07
C PRO D 24 11.81 -22.69 23.10
N ALA D 25 12.25 -21.44 23.18
CA ALA D 25 11.63 -20.48 24.11
C ALA D 25 11.17 -19.20 23.40
N ALA D 26 10.13 -18.59 23.97
CA ALA D 26 9.52 -17.39 23.39
C ALA D 26 9.29 -16.36 24.45
N VAL D 27 9.55 -15.10 24.10
CA VAL D 27 9.13 -13.98 24.91
C VAL D 27 7.85 -13.46 24.28
N VAL D 28 6.82 -13.28 25.10
CA VAL D 28 5.60 -12.61 24.69
C VAL D 28 5.40 -11.39 25.59
N THR D 29 5.40 -10.17 25.01
CA THR D 29 5.16 -8.97 25.81
C THR D 29 3.65 -8.76 26.00
N GLY D 30 3.32 -8.10 27.10
CA GLY D 30 1.93 -7.89 27.57
C GLY D 30 1.14 -9.17 27.48
N ALA D 31 1.71 -10.24 28.03
CA ALA D 31 1.14 -11.60 27.89
C ALA D 31 0.23 -12.07 29.03
N ALA D 32 -0.13 -11.19 29.95
CA ALA D 32 -0.91 -11.59 31.11
C ALA D 32 -2.38 -11.72 30.78
N LYS D 33 -2.83 -10.90 29.83
CA LYS D 33 -4.25 -10.83 29.50
C LYS D 33 -4.50 -10.87 28.00
N ARG D 34 -5.74 -11.16 27.64
CA ARG D 34 -6.29 -10.97 26.28
C ARG D 34 -5.43 -11.62 25.17
N ILE D 35 -5.07 -10.89 24.13
CA ILE D 35 -4.48 -11.54 22.98
C ILE D 35 -3.10 -12.08 23.38
N GLY D 36 -2.34 -11.29 24.15
CA GLY D 36 -0.99 -11.73 24.51
C GLY D 36 -1.06 -13.06 25.26
N ARG D 37 -2.08 -13.18 26.11
CA ARG D 37 -2.24 -14.38 26.91
C ARG D 37 -2.52 -15.58 26.02
N ALA D 38 -3.41 -15.41 25.02
CA ALA D 38 -3.74 -16.49 24.15
C ALA D 38 -2.55 -16.82 23.32
N ILE D 39 -1.74 -15.82 22.94
CA ILE D 39 -0.47 -16.17 22.25
C ILE D 39 0.48 -17.03 23.11
N ALA D 40 0.70 -16.65 24.36
CA ALA D 40 1.55 -17.40 25.25
C ALA D 40 1.05 -18.82 25.41
N VAL D 41 -0.25 -18.99 25.62
CA VAL D 41 -0.86 -20.32 25.76
C VAL D 41 -0.60 -21.21 24.58
N LYS D 42 -0.86 -20.66 23.39
CA LYS D 42 -0.69 -21.43 22.18
C LYS D 42 0.74 -21.84 21.92
N LEU D 43 1.67 -20.90 22.15
CA LEU D 43 3.12 -21.19 21.97
C LEU D 43 3.49 -22.35 22.92
N HIS D 44 2.97 -22.28 24.13
CA HIS D 44 3.30 -23.27 25.15
C HIS D 44 2.77 -24.67 24.79
N GLN D 45 1.51 -24.71 24.36
CA GLN D 45 0.87 -25.92 23.83
C GLN D 45 1.58 -26.54 22.65
N THR D 46 2.19 -25.69 21.84
CA THR D 46 2.99 -26.13 20.71
C THR D 46 4.36 -26.66 21.10
N GLY D 47 4.84 -26.40 22.32
CA GLY D 47 6.17 -26.92 22.72
C GLY D 47 7.14 -25.91 23.28
N TYR D 48 6.83 -24.61 23.14
CA TYR D 48 7.69 -23.57 23.67
C TYR D 48 7.67 -23.43 25.18
N ARG D 49 8.84 -23.04 25.69
CA ARG D 49 8.93 -22.42 27.02
C ARG D 49 8.66 -20.95 26.83
N VAL D 50 8.04 -20.31 27.82
CA VAL D 50 7.58 -18.95 27.64
C VAL D 50 7.91 -17.96 28.76
N VAL D 51 8.40 -16.80 28.35
CA VAL D 51 8.53 -15.68 29.25
C VAL D 51 7.28 -14.85 29.07
N ILE D 52 6.53 -14.78 30.14
CA ILE D 52 5.30 -14.02 30.22
C ILE D 52 5.59 -12.59 30.71
N HIS D 53 5.80 -11.63 29.79
CA HIS D 53 6.02 -10.27 30.23
C HIS D 53 4.70 -9.55 30.60
N TYR D 54 4.77 -8.69 31.61
CA TYR D 54 3.62 -7.91 32.07
C TYR D 54 4.10 -6.57 32.63
N HIS D 55 3.17 -5.62 32.80
CA HIS D 55 3.51 -4.30 33.37
C HIS D 55 2.85 -4.19 34.76
N ASN D 56 1.52 -3.97 34.76
CA ASN D 56 0.69 -3.91 35.94
C ASN D 56 -0.03 -5.21 36.31
N SER D 57 -0.21 -6.13 35.37
CA SER D 57 -1.09 -7.28 35.62
C SER D 57 -0.38 -8.48 36.25
N ALA D 58 0.25 -8.22 37.41
CA ALA D 58 1.11 -9.23 38.09
C ALA D 58 0.34 -10.47 38.48
N GLU D 59 -0.84 -10.28 39.04
CA GLU D 59 -1.64 -11.40 39.51
C GLU D 59 -1.98 -12.31 38.38
N ALA D 60 -2.47 -11.74 37.27
CA ALA D 60 -2.83 -12.55 36.11
C ALA D 60 -1.62 -13.21 35.45
N ALA D 61 -0.51 -12.49 35.41
CA ALA D 61 0.73 -13.03 34.87
C ALA D 61 1.20 -14.27 35.66
N VAL D 62 1.33 -14.09 36.98
CA VAL D 62 1.78 -15.19 37.89
C VAL D 62 0.84 -16.40 37.81
N SER D 63 -0.45 -16.13 37.78
CA SER D 63 -1.47 -17.16 37.60
C SER D 63 -1.35 -17.95 36.28
N LEU D 64 -1.00 -17.25 35.20
CA LEU D 64 -0.74 -17.94 33.92
C LEU D 64 0.51 -18.83 34.00
N ALA D 65 1.59 -18.34 34.59
CA ALA D 65 2.82 -19.15 34.67
C ALA D 65 2.54 -20.42 35.44
N ASP D 66 1.78 -20.26 36.53
CA ASP D 66 1.25 -21.40 37.31
C ASP D 66 0.56 -22.43 36.47
N GLU D 67 -0.42 -21.98 35.68
CA GLU D 67 -1.17 -22.89 34.82
C GLU D 67 -0.26 -23.63 33.88
N LEU D 68 0.58 -22.87 33.18
CA LEU D 68 1.50 -23.47 32.21
C LEU D 68 2.47 -24.49 32.84
N ASN D 69 3.06 -24.12 33.96
CA ASN D 69 4.09 -24.99 34.59
C ASN D 69 3.47 -26.28 35.20
N LYS D 70 2.23 -26.17 35.66
CA LYS D 70 1.51 -27.34 36.10
C LYS D 70 1.34 -28.30 34.94
N GLU D 71 1.17 -27.78 33.73
CA GLU D 71 1.12 -28.64 32.53
C GLU D 71 2.49 -29.24 32.15
N ARG D 72 3.53 -28.41 32.20
CA ARG D 72 4.89 -28.85 31.94
C ARG D 72 5.82 -28.12 32.86
N SER D 73 6.54 -28.87 33.71
CA SER D 73 7.37 -28.26 34.74
C SER D 73 8.49 -27.37 34.18
N ASN D 74 8.76 -26.24 34.83
CA ASN D 74 9.83 -25.34 34.40
C ASN D 74 9.73 -24.91 32.92
N THR D 75 8.57 -24.44 32.52
CA THR D 75 8.40 -23.97 31.14
C THR D 75 7.86 -22.55 31.03
N ALA D 76 7.58 -21.85 32.15
CA ALA D 76 7.12 -20.46 32.13
C ALA D 76 7.66 -19.64 33.30
N VAL D 77 8.07 -18.41 33.03
CA VAL D 77 8.44 -17.46 34.07
C VAL D 77 7.75 -16.15 33.74
N VAL D 78 7.55 -15.29 34.73
CA VAL D 78 7.10 -13.93 34.46
C VAL D 78 8.25 -12.95 34.46
N CYS D 79 8.00 -11.74 33.93
CA CYS D 79 9.02 -10.69 33.81
C CYS D 79 8.32 -9.36 33.71
N GLN D 80 8.47 -8.56 34.77
CA GLN D 80 7.85 -7.27 34.86
C GLN D 80 8.66 -6.18 34.19
N ALA D 81 8.02 -5.35 33.40
CA ALA D 81 8.69 -4.17 32.85
C ALA D 81 7.73 -3.16 32.29
N ASP D 82 8.05 -1.91 32.55
CA ASP D 82 7.35 -0.81 31.93
C ASP D 82 8.02 -0.57 30.57
N LEU D 83 7.21 -0.52 29.50
CA LEU D 83 7.72 -0.33 28.12
C LEU D 83 7.46 1.08 27.55
N THR D 84 7.23 2.03 28.44
CA THR D 84 7.18 3.45 28.13
C THR D 84 8.56 3.88 27.71
N ASN D 85 8.62 4.82 26.79
CA ASN D 85 9.88 5.27 26.30
C ASN D 85 10.55 6.09 27.40
N SER D 86 11.83 5.89 27.57
CA SER D 86 12.64 6.61 28.56
C SER D 86 14.05 6.20 28.27
N ASN D 87 15.00 6.85 28.93
CA ASN D 87 16.41 6.56 28.73
C ASN D 87 16.81 5.21 29.29
N VAL D 88 15.95 4.60 30.09
CA VAL D 88 16.23 3.26 30.63
CA VAL D 88 16.18 3.30 30.68
C VAL D 88 15.50 2.17 29.88
N LEU D 89 14.66 2.53 28.94
CA LEU D 89 13.95 1.48 28.18
C LEU D 89 14.92 0.51 27.52
N PRO D 90 16.05 1.01 27.00
CA PRO D 90 16.98 0.02 26.37
C PRO D 90 17.47 -1.03 27.33
N ALA D 91 17.82 -0.59 28.53
CA ALA D 91 18.12 -1.55 29.59
C ALA D 91 16.94 -2.46 29.93
N SER D 92 15.72 -1.92 30.06
CA SER D 92 14.61 -2.82 30.41
C SER D 92 14.34 -3.89 29.36
N CYS D 93 14.49 -3.50 28.08
CA CYS D 93 14.32 -4.45 26.99
C CYS D 93 15.44 -5.48 26.95
N GLU D 94 16.67 -5.04 27.13
CA GLU D 94 17.79 -5.99 27.29
C GLU D 94 17.56 -7.03 28.38
N GLU D 95 16.92 -6.60 29.47
CA GLU D 95 16.67 -7.45 30.60
C GLU D 95 15.58 -8.45 30.31
N ILE D 96 14.57 -8.03 29.56
CA ILE D 96 13.50 -8.97 29.19
C ILE D 96 14.09 -10.15 28.40
N ILE D 97 14.89 -9.84 27.40
CA ILE D 97 15.58 -10.89 26.62
C ILE D 97 16.54 -11.70 27.53
N ASN D 98 17.30 -10.99 28.36
CA ASN D 98 18.23 -11.66 29.29
C ASN D 98 17.47 -12.62 30.19
N SER D 99 16.28 -12.23 30.59
CA SER D 99 15.46 -13.09 31.40
C SER D 99 15.06 -14.40 30.74
N CYS D 100 14.85 -14.39 29.42
CA CYS D 100 14.61 -15.61 28.67
C CYS D 100 15.85 -16.47 28.71
N PHE D 101 17.03 -15.92 28.46
CA PHE D 101 18.23 -16.75 28.53
C PHE D 101 18.48 -17.32 29.93
N ARG D 102 18.15 -16.53 30.96
CA ARG D 102 18.40 -16.91 32.35
C ARG D 102 17.52 -18.11 32.66
N ALA D 103 16.24 -18.04 32.30
CA ALA D 103 15.33 -19.16 32.58
C ALA D 103 15.60 -20.39 31.74
N PHE D 104 15.82 -20.21 30.44
CA PHE D 104 15.74 -21.31 29.49
C PHE D 104 16.99 -21.59 28.65
N GLY D 105 18.00 -20.75 28.74
CA GLY D 105 19.25 -20.94 28.03
C GLY D 105 19.17 -20.55 26.56
N ARG D 106 18.03 -20.06 26.10
CA ARG D 106 17.88 -19.71 24.66
C ARG D 106 16.70 -18.78 24.50
N CYS D 107 16.57 -18.20 23.31
CA CYS D 107 15.41 -17.32 23.00
C CYS D 107 15.20 -17.37 21.51
N ASP D 108 14.14 -18.08 21.13
CA ASP D 108 13.91 -18.41 19.72
C ASP D 108 12.89 -17.50 19.06
N VAL D 109 11.92 -17.06 19.85
CA VAL D 109 10.77 -16.31 19.36
C VAL D 109 10.59 -15.06 20.26
N LEU D 110 10.39 -13.89 19.64
CA LEU D 110 9.92 -12.69 20.34
C LEU D 110 8.60 -12.25 19.71
N VAL D 111 7.57 -12.12 20.56
CA VAL D 111 6.32 -11.54 20.15
C VAL D 111 6.14 -10.13 20.79
N ASN D 112 6.10 -9.09 19.96
CA ASN D 112 5.77 -7.77 20.41
C ASN D 112 4.28 -7.50 20.37
N ASN D 113 3.67 -7.71 21.54
CA ASN D 113 2.25 -7.61 21.76
C ASN D 113 1.80 -6.45 22.63
N ALA D 114 2.56 -6.12 23.70
CA ALA D 114 2.25 -5.00 24.60
C ALA D 114 1.96 -3.70 23.88
N SER D 115 0.92 -2.98 24.32
CA SER D 115 0.48 -1.79 23.62
C SER D 115 -0.40 -0.90 24.47
N ALA D 116 -0.02 0.37 24.55
CA ALA D 116 -0.91 1.38 25.08
C ALA D 116 -1.84 1.82 23.94
N PHE D 117 -3.10 2.13 24.28
CA PHE D 117 -4.11 2.51 23.31
C PHE D 117 -5.15 3.44 23.94
N TYR D 118 -5.14 4.70 23.56
CA TYR D 118 -6.05 5.67 24.12
C TYR D 118 -5.96 6.93 23.23
N PRO D 119 -7.01 7.78 23.23
CA PRO D 119 -7.01 8.96 22.38
C PRO D 119 -6.01 10.03 22.81
N THR D 120 -5.45 10.74 21.84
CA THR D 120 -4.59 11.90 22.00
C THR D 120 -4.97 12.97 20.95
N PRO D 121 -6.08 13.68 21.19
CA PRO D 121 -6.65 14.63 20.25
C PRO D 121 -5.70 15.78 19.96
N LEU D 122 -5.73 16.24 18.71
CA LEU D 122 -4.82 17.27 18.26
C LEU D 122 -5.25 18.65 18.75
N VAL D 123 -6.55 18.79 19.03
CA VAL D 123 -7.12 20.07 19.48
C VAL D 123 -7.75 19.89 20.87
N GLY D 133 -5.58 13.99 32.74
CA GLY D 133 -4.49 14.96 32.73
C GLY D 133 -3.11 14.33 32.67
N LYS D 134 -2.86 13.43 31.72
CA LYS D 134 -1.49 12.98 31.41
C LYS D 134 -0.88 14.04 30.53
N THR D 135 0.40 14.32 30.69
CA THR D 135 1.01 15.33 29.84
C THR D 135 1.15 14.74 28.44
N VAL D 136 1.43 15.62 27.48
CA VAL D 136 1.62 15.18 26.12
C VAL D 136 2.96 14.42 26.05
N GLU D 137 3.97 14.86 26.77
CA GLU D 137 5.24 14.13 26.75
C GLU D 137 5.06 12.70 27.30
N THR D 138 4.13 12.51 28.24
CA THR D 138 3.85 11.18 28.75
C THR D 138 3.08 10.34 27.74
N GLN D 139 2.15 10.97 27.02
CA GLN D 139 1.38 10.30 25.99
C GLN D 139 2.32 9.82 24.88
N VAL D 140 3.20 10.71 24.47
CA VAL D 140 4.18 10.37 23.44
C VAL D 140 5.00 9.16 23.95
N ALA D 141 5.54 9.27 25.17
CA ALA D 141 6.38 8.16 25.71
C ALA D 141 5.67 6.80 25.79
N GLU D 142 4.41 6.75 26.19
CA GLU D 142 3.70 5.54 26.38
C GLU D 142 3.26 4.91 25.04
N LEU D 143 2.67 5.76 24.19
CA LEU D 143 2.08 5.29 22.91
C LEU D 143 3.14 4.85 21.92
N ILE D 144 4.20 5.63 21.78
CA ILE D 144 5.28 5.38 20.84
C ILE D 144 6.29 4.40 21.43
N GLY D 145 6.50 4.49 22.75
CA GLY D 145 7.31 3.46 23.45
C GLY D 145 6.78 2.06 23.27
N THR D 146 5.53 1.84 23.67
CA THR D 146 5.01 0.50 23.72
C THR D 146 4.83 -0.06 22.29
N ASN D 147 4.24 0.76 21.41
CA ASN D 147 3.90 0.29 20.06
C ASN D 147 5.10 0.25 19.14
N ALA D 148 6.18 0.94 19.46
CA ALA D 148 7.27 1.01 18.49
C ALA D 148 8.68 0.98 19.04
N ILE D 149 9.00 1.85 20.01
CA ILE D 149 10.38 1.93 20.47
C ILE D 149 10.79 0.63 21.22
N ALA D 150 9.93 0.13 22.08
CA ALA D 150 10.22 -1.11 22.80
C ALA D 150 10.35 -2.29 21.84
N PRO D 151 9.43 -2.39 20.84
CA PRO D 151 9.68 -3.46 19.86
C PRO D 151 11.03 -3.36 19.17
N PHE D 152 11.48 -2.16 18.84
CA PHE D 152 12.79 -1.98 18.18
C PHE D 152 13.92 -2.43 19.12
N LEU D 153 13.83 -2.02 20.38
CA LEU D 153 14.90 -2.26 21.34
C LEU D 153 14.93 -3.75 21.69
N LEU D 154 13.76 -4.33 21.82
CA LEU D 154 13.63 -5.79 22.01
C LEU D 154 14.19 -6.60 20.86
N THR D 155 13.99 -6.12 19.65
CA THR D 155 14.47 -6.79 18.46
C THR D 155 15.98 -6.66 18.45
N MET D 156 16.48 -5.49 18.82
CA MET D 156 17.94 -5.27 18.91
C MET D 156 18.56 -6.28 19.89
N SER D 157 18.01 -6.33 21.10
CA SER D 157 18.56 -7.25 22.12
C SER D 157 18.39 -8.71 21.73
N PHE D 158 17.24 -9.07 21.14
CA PHE D 158 17.06 -10.43 20.58
C PHE D 158 18.18 -10.81 19.61
N ALA D 159 18.43 -9.96 18.63
CA ALA D 159 19.40 -10.32 17.59
C ALA D 159 20.80 -10.38 18.16
N GLN D 160 21.11 -9.46 19.09
CA GLN D 160 22.46 -9.38 19.59
C GLN D 160 22.77 -10.60 20.41
N ARG D 161 21.81 -11.11 21.16
CA ARG D 161 22.06 -12.29 22.00
C ARG D 161 22.22 -13.61 21.22
N GLN D 162 21.94 -13.65 19.91
CA GLN D 162 22.08 -14.91 19.19
C GLN D 162 23.54 -15.27 18.92
N SER D 171 18.97 -26.12 11.65
CA SER D 171 18.46 -26.64 12.93
C SER D 171 17.56 -25.67 13.75
N SER D 172 17.83 -24.37 13.70
CA SER D 172 17.06 -23.38 14.47
C SER D 172 16.01 -22.67 13.59
N ASN D 173 14.96 -22.12 14.23
CA ASN D 173 13.92 -21.35 13.52
C ASN D 173 13.58 -20.10 14.34
N LEU D 174 14.39 -19.06 14.16
CA LEU D 174 14.32 -17.85 14.96
C LEU D 174 13.40 -16.87 14.26
N SER D 175 12.43 -16.29 14.97
CA SER D 175 11.62 -15.27 14.33
C SER D 175 10.99 -14.34 15.34
N ILE D 176 10.63 -13.14 14.84
CA ILE D 176 9.88 -12.15 15.59
C ILE D 176 8.49 -11.97 14.95
N VAL D 177 7.48 -11.77 15.79
CA VAL D 177 6.09 -11.43 15.33
C VAL D 177 5.64 -10.19 16.08
N ASN D 178 5.36 -9.15 15.32
CA ASN D 178 4.87 -7.92 15.81
C ASN D 178 3.37 -7.87 15.67
N LEU D 179 2.69 -7.45 16.71
CA LEU D 179 1.26 -7.21 16.62
C LEU D 179 0.97 -5.81 16.11
N CYS D 180 0.47 -5.78 14.88
CA CYS D 180 0.30 -4.58 14.10
C CYS D 180 -1.15 -4.17 14.17
N ASP D 181 -1.72 -3.59 13.11
CA ASP D 181 -3.09 -3.08 13.15
C ASP D 181 -3.62 -3.07 11.71
N ALA D 182 -4.66 -3.85 11.41
CA ALA D 182 -5.17 -3.92 10.03
C ALA D 182 -5.72 -2.58 9.52
N MET D 183 -6.16 -1.75 10.45
CA MET D 183 -6.71 -0.40 10.22
C MET D 183 -5.69 0.72 10.31
N VAL D 184 -4.43 0.40 10.04
CA VAL D 184 -3.38 1.34 10.25
C VAL D 184 -3.52 2.48 9.24
N ASP D 185 -4.11 2.21 8.05
CA ASP D 185 -4.37 3.29 7.12
C ASP D 185 -5.80 3.82 7.12
N GLN D 186 -6.63 3.33 8.03
CA GLN D 186 -8.00 3.83 8.24
C GLN D 186 -8.23 4.02 9.73
N PRO D 187 -7.53 4.98 10.30
CA PRO D 187 -7.41 4.96 11.76
C PRO D 187 -8.62 5.48 12.52
N CSX D 188 -8.60 5.21 13.81
CA CSX D 188 -9.57 5.77 14.74
CB CSX D 188 -9.17 5.28 16.11
SG CSX D 188 -10.14 3.94 16.42
C CSX D 188 -9.45 7.25 14.85
O CSX D 188 -8.35 7.75 14.91
OD CSX D 188 -11.32 4.71 16.97
N MET D 189 -10.56 7.95 14.93
CA MET D 189 -10.50 9.40 15.09
C MET D 189 -9.77 9.80 16.38
N ALA D 190 -8.81 10.70 16.30
CA ALA D 190 -8.13 11.23 17.49
C ALA D 190 -7.13 10.29 18.19
N PHE D 191 -6.78 9.19 17.54
CA PHE D 191 -5.73 8.30 17.99
C PHE D 191 -4.38 8.51 17.25
N SER D 192 -3.99 9.74 16.98
CA SER D 192 -2.83 9.95 16.12
C SER D 192 -1.51 9.38 16.69
N LEU D 193 -1.22 9.56 17.98
CA LEU D 193 0.01 8.95 18.52
C LEU D 193 -0.05 7.44 18.50
N TYR D 194 -1.13 6.83 18.93
CA TYR D 194 -1.24 5.37 18.78
C TYR D 194 -0.95 4.91 17.31
N ASN D 195 -1.60 5.58 16.38
CA ASN D 195 -1.52 5.20 14.95
C ASN D 195 -0.12 5.44 14.44
N MET D 196 0.52 6.52 14.89
CA MET D 196 1.93 6.73 14.51
C MET D 196 2.83 5.58 15.00
N GLY D 197 2.56 5.08 16.21
CA GLY D 197 3.28 3.94 16.74
C GLY D 197 3.09 2.70 15.91
N LYS D 198 1.85 2.40 15.57
CA LYS D 198 1.55 1.27 14.72
C LYS D 198 2.17 1.37 13.31
N HIS D 199 2.16 2.56 12.73
CA HIS D 199 2.78 2.75 11.43
C HIS D 199 4.27 2.52 11.53
N ALA D 200 4.88 3.04 12.61
CA ALA D 200 6.30 2.81 12.87
C ALA D 200 6.63 1.34 13.02
N LEU D 201 5.70 0.59 13.58
CA LEU D 201 5.88 -0.84 13.76
C LEU D 201 5.90 -1.62 12.43
N VAL D 202 5.10 -1.15 11.47
CA VAL D 202 5.17 -1.68 10.10
C VAL D 202 6.58 -1.45 9.58
N GLY D 203 7.09 -0.23 9.70
CA GLY D 203 8.47 0.11 9.27
C GLY D 203 9.51 -0.78 9.92
N LEU D 204 9.35 -1.06 11.21
CA LEU D 204 10.27 -1.91 11.92
C LEU D 204 10.20 -3.33 11.41
N THR D 205 8.99 -3.84 11.30
CA THR D 205 8.79 -5.19 10.74
C THR D 205 9.61 -5.38 9.44
N GLN D 206 9.47 -4.42 8.51
CA GLN D 206 10.12 -4.47 7.22
C GLN D 206 11.64 -4.26 7.31
N SER D 207 12.08 -3.25 8.04
CA SER D 207 13.52 -2.90 8.19
C SER D 207 14.28 -4.04 8.84
N ALA D 208 13.68 -4.61 9.89
CA ALA D 208 14.31 -5.70 10.61
C ALA D 208 14.25 -6.99 9.82
N ALA D 209 13.17 -7.24 9.07
CA ALA D 209 13.18 -8.41 8.15
C ALA D 209 14.38 -8.37 7.21
N LEU D 210 14.58 -7.20 6.62
CA LEU D 210 15.68 -7.01 5.69
C LEU D 210 17.03 -7.22 6.39
N GLU D 211 17.23 -6.54 7.50
CA GLU D 211 18.58 -6.44 8.11
C GLU D 211 18.98 -7.74 8.81
N LEU D 212 18.00 -8.43 9.37
CA LEU D 212 18.27 -9.71 10.04
C LEU D 212 18.12 -10.98 9.20
N ALA D 213 17.66 -10.86 7.95
CA ALA D 213 17.62 -12.05 7.07
C ALA D 213 19.00 -12.80 6.95
N PRO D 214 20.11 -12.05 6.85
CA PRO D 214 21.42 -12.71 6.73
C PRO D 214 21.77 -13.53 7.96
N TYR D 215 21.11 -13.28 9.09
CA TYR D 215 21.28 -14.08 10.29
C TYR D 215 20.17 -15.13 10.51
N GLY D 216 19.34 -15.37 9.51
CA GLY D 216 18.30 -16.39 9.64
C GLY D 216 17.15 -16.05 10.56
N ILE D 217 17.01 -14.78 10.92
CA ILE D 217 15.91 -14.41 11.79
C ILE D 217 14.85 -13.80 10.89
N ARG D 218 13.63 -14.32 10.99
CA ARG D 218 12.48 -13.81 10.27
C ARG D 218 11.68 -12.83 11.13
N VAL D 219 11.16 -11.79 10.51
CA VAL D 219 10.41 -10.80 11.18
C VAL D 219 9.09 -10.56 10.44
N ASN D 220 7.96 -10.75 11.10
CA ASN D 220 6.67 -10.72 10.44
C ASN D 220 5.69 -10.09 11.36
N GLY D 221 4.51 -9.84 10.81
CA GLY D 221 3.41 -9.17 11.55
C GLY D 221 2.11 -9.92 11.52
N VAL D 222 1.25 -9.66 12.52
CA VAL D 222 -0.09 -10.15 12.51
C VAL D 222 -0.90 -8.93 12.87
N ALA D 223 -1.90 -8.62 12.05
CA ALA D 223 -2.63 -7.35 12.13
C ALA D 223 -4.13 -7.59 12.38
N PRO D 224 -4.57 -7.52 13.64
CA PRO D 224 -5.99 -7.67 13.93
C PRO D 224 -6.75 -6.45 13.44
N GLY D 225 -8.04 -6.61 13.19
CA GLY D 225 -8.91 -5.48 12.97
C GLY D 225 -9.71 -5.16 14.23
N VAL D 226 -10.80 -5.89 14.40
CA VAL D 226 -11.50 -5.87 15.65
C VAL D 226 -11.41 -7.28 16.24
N SER D 227 -10.73 -7.35 17.37
CA SER D 227 -10.66 -8.51 18.21
C SER D 227 -11.25 -8.09 19.58
N LEU D 228 -10.66 -8.56 20.66
CA LEU D 228 -11.24 -8.42 22.02
C LEU D 228 -11.42 -6.95 22.25
N LEU D 229 -12.65 -6.59 22.59
CA LEU D 229 -13.01 -5.18 22.67
C LEU D 229 -12.54 -4.56 23.99
N PRO D 230 -12.15 -3.26 23.98
CA PRO D 230 -11.63 -2.68 25.21
C PRO D 230 -12.61 -2.88 26.36
N VAL D 231 -12.08 -3.13 27.57
CA VAL D 231 -12.95 -3.47 28.71
C VAL D 231 -13.76 -2.25 29.13
N ALA D 232 -13.13 -1.07 29.02
CA ALA D 232 -13.78 0.21 29.31
C ALA D 232 -14.90 0.57 28.33
N MET D 233 -14.87 0.03 27.12
CA MET D 233 -15.86 0.42 26.10
C MET D 233 -17.28 -0.04 26.46
N GLY D 234 -18.25 0.87 26.35
CA GLY D 234 -19.65 0.55 26.64
C GLY D 234 -20.21 -0.47 25.65
N GLU D 235 -21.28 -1.15 26.00
CA GLU D 235 -21.72 -2.32 25.19
C GLU D 235 -22.32 -1.93 23.84
N GLU D 236 -22.79 -0.69 23.73
CA GLU D 236 -23.40 -0.24 22.47
C GLU D 236 -22.29 0.02 21.43
N GLU D 237 -21.22 0.67 21.86
CA GLU D 237 -20.07 0.96 20.98
C GLU D 237 -19.45 -0.37 20.52
N LYS D 238 -19.45 -1.37 21.42
CA LYS D 238 -18.97 -2.72 21.09
C LYS D 238 -19.79 -3.32 19.97
N ASP D 239 -21.11 -3.25 20.05
CA ASP D 239 -21.93 -3.81 18.97
C ASP D 239 -21.79 -3.01 17.70
N LYS D 240 -21.44 -1.74 17.83
CA LYS D 240 -21.20 -0.89 16.65
C LYS D 240 -19.99 -1.44 15.86
N TRP D 241 -18.91 -1.70 16.57
CA TRP D 241 -17.73 -2.29 15.95
C TRP D 241 -18.02 -3.67 15.35
N ARG D 242 -18.67 -4.55 16.12
CA ARG D 242 -19.02 -5.90 15.64
C ARG D 242 -19.71 -5.86 14.32
N ARG D 243 -20.64 -4.92 14.19
CA ARG D 243 -21.53 -4.84 13.04
C ARG D 243 -20.80 -4.49 11.73
N LYS D 244 -19.64 -3.86 11.84
CA LYS D 244 -18.87 -3.44 10.67
C LYS D 244 -18.17 -4.63 9.98
N VAL D 245 -18.01 -5.77 10.67
CA VAL D 245 -17.17 -6.89 10.17
C VAL D 245 -17.95 -7.77 9.19
N PRO D 246 -17.53 -7.80 7.88
CA PRO D 246 -18.18 -8.65 6.88
C PRO D 246 -18.28 -10.12 7.24
N LEU D 247 -17.17 -10.74 7.67
CA LEU D 247 -17.15 -12.18 7.93
C LEU D 247 -17.70 -12.43 9.33
N GLY D 248 -19.04 -12.52 9.41
CA GLY D 248 -19.71 -12.98 10.60
C GLY D 248 -20.16 -11.92 11.59
N ARG D 249 -19.94 -10.63 11.28
CA ARG D 249 -20.42 -9.54 12.12
C ARG D 249 -20.03 -9.70 13.58
N ARG D 250 -18.80 -10.13 13.82
CA ARG D 250 -18.25 -10.30 15.13
C ARG D 250 -16.75 -10.07 15.10
N GLU D 251 -16.18 -9.93 16.30
CA GLU D 251 -14.78 -9.67 16.51
C GLU D 251 -14.01 -10.98 16.42
N ALA D 252 -12.72 -10.90 16.15
CA ALA D 252 -11.88 -12.08 16.30
C ALA D 252 -11.77 -12.49 17.78
N SER D 253 -11.77 -13.79 18.03
CA SER D 253 -11.27 -14.30 19.31
C SER D 253 -9.77 -14.05 19.45
N ALA D 254 -9.26 -14.09 20.69
CA ALA D 254 -7.81 -14.01 20.88
C ALA D 254 -7.13 -15.21 20.24
N GLU D 255 -7.84 -16.34 20.25
CA GLU D 255 -7.26 -17.60 19.77
C GLU D 255 -7.02 -17.53 18.24
N GLN D 256 -7.93 -16.89 17.56
CA GLN D 256 -7.81 -16.70 16.12
C GLN D 256 -6.64 -15.82 15.77
N ILE D 257 -6.41 -14.78 16.55
CA ILE D 257 -5.22 -13.97 16.38
C ILE D 257 -3.96 -14.82 16.66
N ALA D 258 -3.95 -15.55 17.77
CA ALA D 258 -2.78 -16.40 18.11
C ALA D 258 -2.48 -17.41 17.02
N ASP D 259 -3.52 -17.96 16.41
CA ASP D 259 -3.35 -18.95 15.32
C ASP D 259 -2.44 -18.39 14.24
N ALA D 260 -2.59 -17.12 13.88
CA ALA D 260 -1.74 -16.54 12.82
C ALA D 260 -0.29 -16.39 13.27
N VAL D 261 -0.10 -16.06 14.55
CA VAL D 261 1.21 -16.03 15.21
C VAL D 261 1.93 -17.38 15.12
N ILE D 262 1.20 -18.40 15.56
CA ILE D 262 1.72 -19.78 15.55
C ILE D 262 2.18 -20.16 14.15
N PHE D 263 1.37 -19.79 13.15
CA PHE D 263 1.73 -20.09 11.79
C PHE D 263 3.05 -19.43 11.44
N LEU D 264 3.19 -18.14 11.68
CA LEU D 264 4.43 -17.43 11.28
C LEU D 264 5.70 -17.91 12.00
N VAL D 265 5.56 -18.38 13.24
CA VAL D 265 6.77 -18.91 13.95
C VAL D 265 7.12 -20.35 13.54
N SER D 266 6.14 -21.08 12.99
CA SER D 266 6.28 -22.47 12.59
C SER D 266 7.21 -22.71 11.40
N GLY D 267 7.60 -23.96 11.22
CA GLY D 267 8.33 -24.43 10.05
C GLY D 267 7.58 -24.38 8.71
N SER D 268 6.31 -24.02 8.72
CA SER D 268 5.53 -23.83 7.48
C SER D 268 5.61 -22.38 6.99
N ALA D 269 6.36 -21.54 7.73
CA ALA D 269 6.60 -20.15 7.36
C ALA D 269 8.06 -19.82 7.15
N GLN D 270 8.88 -20.83 6.85
CA GLN D 270 10.35 -20.59 6.79
C GLN D 270 10.87 -19.66 5.68
N TYR D 271 10.05 -19.39 4.68
CA TYR D 271 10.43 -18.44 3.60
C TYR D 271 9.72 -17.08 3.77
N ILE D 272 8.90 -16.97 4.81
CA ILE D 272 8.14 -15.79 5.06
C ILE D 272 8.92 -14.81 5.95
N THR D 273 9.22 -13.66 5.42
CA THR D 273 9.76 -12.61 6.25
C THR D 273 9.36 -11.27 5.69
N GLY D 274 9.06 -10.35 6.59
CA GLY D 274 8.56 -9.04 6.23
C GLY D 274 7.10 -9.04 5.83
N SER D 275 6.35 -10.08 6.16
CA SER D 275 4.95 -10.13 5.83
C SER D 275 4.05 -9.83 7.00
N ILE D 276 2.97 -9.13 6.74
CA ILE D 276 2.03 -8.75 7.77
C ILE D 276 0.69 -9.33 7.37
N ILE D 277 0.18 -10.28 8.14
CA ILE D 277 -1.03 -11.00 7.81
C ILE D 277 -2.17 -10.34 8.54
N LYS D 278 -3.12 -9.77 7.81
CA LYS D 278 -4.41 -9.31 8.46
C LYS D 278 -5.19 -10.46 8.95
N VAL D 279 -5.73 -10.34 10.17
CA VAL D 279 -6.70 -11.28 10.69
C VAL D 279 -7.90 -10.43 11.14
N ASP D 280 -8.68 -10.00 10.14
CA ASP D 280 -9.65 -8.93 10.35
C ASP D 280 -11.05 -9.17 9.80
N GLY D 281 -11.33 -10.36 9.32
CA GLY D 281 -12.68 -10.68 8.79
C GLY D 281 -13.13 -9.75 7.67
N GLY D 282 -12.16 -9.12 6.99
CA GLY D 282 -12.44 -8.21 5.89
C GLY D 282 -12.70 -6.77 6.29
N LEU D 283 -12.66 -6.45 7.59
CA LEU D 283 -13.00 -5.10 8.02
C LEU D 283 -12.26 -3.98 7.25
N SER D 284 -10.98 -4.15 6.98
CA SER D 284 -10.19 -3.14 6.31
C SER D 284 -10.61 -2.92 4.84
N LEU D 285 -11.47 -3.78 4.32
CA LEU D 285 -11.91 -3.68 2.94
C LEU D 285 -13.19 -2.86 2.79
N VAL D 286 -13.83 -2.56 3.92
CA VAL D 286 -15.13 -1.85 3.93
C VAL D 286 -14.97 -0.33 3.85
N HIS D 287 -15.53 0.29 2.82
CA HIS D 287 -15.59 1.74 2.75
C HIS D 287 -16.54 2.34 3.77
N ALA D 288 -16.32 3.62 4.05
CA ALA D 288 -17.16 4.39 4.98
C ALA D 288 -18.61 4.40 4.58
PA NAP E . -18.41 8.51 -16.41
O1A NAP E . -19.37 9.67 -16.55
O2A NAP E . -18.97 7.38 -15.64
O5B NAP E . -17.78 7.98 -17.81
C5B NAP E . -17.07 8.90 -18.62
C4B NAP E . -17.21 8.48 -20.06
O4B NAP E . -16.83 7.14 -20.21
C3B NAP E . -18.69 8.41 -20.56
O3B NAP E . -19.20 9.71 -20.83
C2B NAP E . -18.58 7.48 -21.76
O2B NAP E . -18.63 8.20 -23.01
C1B NAP E . -17.20 6.78 -21.53
N9A NAP E . -17.41 5.34 -21.79
C8A NAP E . -18.23 4.49 -21.15
N7A NAP E . -18.24 3.28 -21.76
C5A NAP E . -17.47 3.40 -22.86
C6A NAP E . -17.07 2.53 -23.95
N6A NAP E . -17.54 1.30 -24.01
N1A NAP E . -16.23 3.04 -24.88
C2A NAP E . -15.74 4.28 -24.85
N3A NAP E . -16.11 5.14 -23.87
C4A NAP E . -16.93 4.75 -22.88
O3 NAP E . -17.06 9.06 -15.77
PN NAP E . -16.84 10.17 -14.66
O1N NAP E . -16.63 11.54 -15.27
O2N NAP E . -17.88 9.86 -13.61
O5D NAP E . -15.41 9.72 -14.08
C5D NAP E . -14.20 10.00 -14.81
C4D NAP E . -13.08 9.06 -14.40
O4D NAP E . -12.74 9.24 -13.00
C3D NAP E . -13.48 7.63 -14.60
O3D NAP E . -12.34 6.91 -15.10
C2D NAP E . -13.92 7.17 -13.24
O2D NAP E . -13.82 5.75 -13.11
C1D NAP E . -12.97 7.98 -12.34
N1N NAP E . -13.64 8.09 -11.06
C2N NAP E . -14.72 8.92 -10.99
C3N NAP E . -15.41 9.04 -9.80
C7N NAP E . -16.61 9.94 -9.70
O7N NAP E . -16.87 10.40 -8.58
N7N NAP E . -17.35 10.22 -10.80
C4N NAP E . -15.04 8.24 -8.71
C5N NAP E . -13.97 7.36 -8.84
C6N NAP E . -13.26 7.34 -10.03
P2B NAP E . -20.01 8.60 -23.82
O1X NAP E . -20.72 7.28 -24.14
O2X NAP E . -19.44 9.34 -25.01
O3X NAP E . -20.82 9.35 -22.81
NAA M4V F . -16.75 5.71 -14.52
OAB M4V F . -19.60 7.63 -11.37
BR M4V F . -16.26 3.03 -3.04
CAD M4V F . -20.63 8.07 -6.23
CAE M4V F . -19.85 8.85 -7.06
CAF M4V F . -20.57 6.70 -6.35
CAG M4V F . -19.05 8.27 -8.05
CAH M4V F . -19.74 6.14 -7.33
CAI M4V F . -16.71 5.20 -4.91
CAJ M4V F . -16.25 3.06 -5.95
CAK M4V F . -16.87 5.79 -6.18
CAL M4V F . -16.42 3.68 -7.21
NAM M4V F . -16.44 5.28 -12.23
NAN M4V F . -18.24 6.70 -12.92
NAO M4V F . -16.24 4.95 -9.81
CAP M4V F . -16.40 3.86 -4.81
CAQ M4V F . -17.15 5.91 -13.21
CAR M4V F . -16.71 5.03 -7.34
CAS M4V F . -18.97 6.90 -8.21
CAT M4V F . -16.95 5.48 -8.74
CAU M4V F . -18.01 6.25 -9.20
CAV M4V F . -18.63 6.88 -11.62
CAW M4V F . -16.83 5.51 -10.93
CAX M4V F . -17.92 6.29 -10.56
PA NAP G . 18.66 17.02 5.37
O1A NAP G . 19.54 18.05 4.71
O2A NAP G . 19.14 15.66 5.74
O5B NAP G . 18.21 17.74 6.72
C5B NAP G . 17.48 18.94 6.63
C4B NAP G . 17.66 19.72 7.92
O4B NAP G . 17.15 18.94 8.98
C3B NAP G . 19.12 20.00 8.29
O3B NAP G . 19.72 21.03 7.50
C2B NAP G . 18.92 20.26 9.80
O2B NAP G . 18.97 21.64 10.21
C1B NAP G . 17.51 19.62 10.15
N9A NAP G . 17.69 18.80 11.37
C8A NAP G . 18.43 17.67 11.49
N7A NAP G . 18.42 17.23 12.72
C5A NAP G . 17.69 18.13 13.45
C6A NAP G . 17.29 18.32 14.88
N6A NAP G . 17.66 17.44 15.85
N1A NAP G . 16.49 19.36 15.18
C2A NAP G . 16.06 20.26 14.27
N3A NAP G . 16.39 20.18 12.97
C4A NAP G . 17.20 19.16 12.54
O3 NAP G . 17.25 16.99 4.57
PN NAP G . 17.06 16.93 2.96
O1N NAP G . 17.02 18.37 2.44
O2N NAP G . 18.05 15.94 2.34
O5D NAP G . 15.61 16.26 2.83
C5D NAP G . 14.49 17.06 3.20
C4D NAP G . 13.42 16.11 3.66
O4D NAP G . 13.11 15.23 2.57
C3D NAP G . 13.70 15.22 4.86
O3D NAP G . 12.43 15.12 5.62
C2D NAP G . 14.08 13.91 4.23
O2D NAP G . 13.88 12.83 5.12
C1D NAP G . 13.18 13.88 2.98
N1N NAP G . 13.79 13.01 2.00
C2N NAP G . 14.94 13.38 1.42
C3N NAP G . 15.58 12.51 0.56
C7N NAP G . 16.82 12.92 -0.14
O7N NAP G . 17.19 12.22 -1.05
N7N NAP G . 17.55 13.99 0.19
C4N NAP G . 15.04 11.25 0.32
C5N NAP G . 13.87 10.88 0.95
C6N NAP G . 13.25 11.76 1.76
P2B NAP G . 20.33 22.41 10.51
O1X NAP G . 20.99 21.78 11.71
O2X NAP G . 19.86 23.80 10.70
O3X NAP G . 21.13 22.32 9.26
NAA M4V H . 16.82 13.80 6.06
OAB M4V H . 19.97 12.96 2.80
BR M4V H . 16.20 3.79 0.15
CAD M4V H . 21.64 9.63 -0.65
CAE M4V H . 20.33 9.56 -1.11
CAF M4V H . 21.90 9.95 0.69
CAG M4V H . 19.27 9.83 -0.23
CAH M4V H . 20.84 10.21 1.56
CAI M4V H . 17.89 6.11 0.76
CAJ M4V H . 15.56 6.36 1.26
CAK M4V H . 18.14 7.40 1.25
CAL M4V H . 15.81 7.64 1.76
NAM M4V H . 16.57 11.90 4.73
NAN M4V H . 18.44 13.37 4.39
NAO M4V H . 16.48 9.98 3.27
CAP M4V H . 16.61 5.59 0.79
CAQ M4V H . 17.29 13.00 5.06
CAR M4V H . 17.06 8.22 1.69
CAS M4V H . 19.51 10.18 1.10
CAT M4V H . 17.33 9.55 2.29
CAU M4V H . 18.39 10.43 2.11
CAV M4V H . 18.92 12.61 3.38
CAW M4V H . 17.05 11.16 3.73
CAX M4V H . 18.25 11.43 3.05
C ACT I . 33.26 14.27 -4.43
O ACT I . 33.15 13.33 -5.24
OXT ACT I . 33.17 15.46 -4.77
CH3 ACT I . 33.45 13.99 -2.97
PA NAP J . 3.74 -21.45 -14.40
O1A NAP J . 4.50 -22.76 -14.34
O2A NAP J . 4.21 -20.16 -15.04
O5B NAP J . 2.31 -21.83 -14.98
C5B NAP J . 1.48 -22.70 -14.25
C4B NAP J . 0.49 -23.35 -15.20
O4B NAP J . -0.44 -22.38 -15.70
C3B NAP J . 1.09 -24.00 -16.46
O3B NAP J . 1.64 -25.28 -16.24
C2B NAP J . -0.13 -24.03 -17.36
O2B NAP J . -0.76 -25.31 -17.43
C1B NAP J . -1.13 -23.02 -16.73
N9A NAP J . -1.54 -22.16 -17.83
C8A NAP J . -0.79 -21.30 -18.54
N7A NAP J . -1.51 -20.77 -19.53
C5A NAP J . -2.75 -21.28 -19.45
C6A NAP J . -3.98 -21.18 -20.22
N6A NAP J . -4.05 -20.35 -21.25
N1A NAP J . -5.04 -21.86 -19.77
C2A NAP J . -4.99 -22.69 -18.73
N3A NAP J . -3.86 -22.88 -18.00
C4A NAP J . -2.76 -22.22 -18.34
O3 NAP J . 3.31 -21.16 -12.88
PN NAP J . 4.25 -21.26 -11.55
O1N NAP J . 4.08 -22.67 -11.01
O2N NAP J . 5.56 -20.70 -11.92
O5D NAP J . 3.54 -20.21 -10.59
C5D NAP J . 2.34 -20.50 -9.88
C4D NAP J . 1.56 -19.21 -9.62
O4D NAP J . 2.30 -18.38 -8.70
C3D NAP J . 1.22 -18.35 -10.83
O3D NAP J . -0.09 -17.80 -10.58
C2D NAP J . 2.32 -17.33 -10.81
O2D NAP J . 1.94 -16.13 -11.48
C1D NAP J . 2.56 -17.14 -9.31
N1N NAP J . 3.91 -16.67 -9.12
C2N NAP J . 4.93 -17.51 -9.38
C3N NAP J . 6.24 -17.07 -9.22
C7N NAP J . 7.40 -17.97 -9.41
O7N NAP J . 8.50 -17.67 -8.91
N7N NAP J . 7.23 -19.11 -10.11
C4N NAP J . 6.45 -15.77 -8.83
C5N NAP J . 5.36 -14.91 -8.64
C6N NAP J . 4.10 -15.38 -8.78
P2B NAP J . -0.43 -26.48 -18.50
O1X NAP J . -1.36 -27.57 -18.06
O2X NAP J . 1.07 -26.80 -18.30
O3X NAP J . -0.47 -25.93 -19.92
NAA M4V K . 3.01 -17.70 -14.02
OAB M4V K . 7.51 -18.26 -13.60
BR M4V K . 9.69 -8.83 -10.41
CAD M4V K . 11.92 -15.69 -11.72
CAE M4V K . 11.07 -16.62 -11.20
CAF M4V K . 11.40 -14.64 -12.45
CAG M4V K . 9.71 -16.51 -11.43
CAH M4V K . 10.02 -14.53 -12.65
CAI M4V K . 7.76 -10.57 -11.51
CAJ M4V K . 9.47 -11.72 -10.28
CAK M4V K . 7.16 -11.79 -11.83
CAL M4V K . 8.87 -12.94 -10.59
NAM M4V K . 4.32 -15.95 -13.08
NAN M4V K . 5.36 -17.97 -13.79
NAO M4V K . 5.68 -14.27 -12.15
CAP M4V K . 8.88 -10.55 -10.75
CAQ M4V K . 4.26 -17.21 -13.62
CAR M4V K . 7.70 -12.98 -11.38
CAS M4V K . 9.16 -15.51 -12.17
CAT M4V K . 7.03 -14.22 -11.88
CAU M4V K . 7.66 -15.37 -12.33
CAV M4V K . 6.59 -17.49 -13.39
CAW M4V K . 5.50 -15.49 -12.71
CAX M4V K . 6.70 -16.20 -12.83
C ACT L . -9.02 -39.34 -13.76
O ACT L . -9.49 -38.18 -13.79
OXT ACT L . -9.76 -40.34 -13.57
CH3 ACT L . -7.53 -39.56 -13.95
PA NAP M . -4.37 -4.55 25.26
O1A NAP M . -5.21 -5.49 26.06
O2A NAP M . -4.84 -3.13 24.98
O5B NAP M . -2.86 -4.40 25.82
C5B NAP M . -2.13 -5.61 26.16
C4B NAP M . -1.07 -5.35 27.24
O4B NAP M . -0.16 -4.28 26.92
C3B NAP M . -1.71 -4.87 28.54
O3B NAP M . -2.30 -5.91 29.32
C2B NAP M . -0.59 -4.12 29.26
O2B NAP M . -0.02 -4.91 30.32
C1B NAP M . 0.47 -3.88 28.14
N9A NAP M . 0.96 -2.51 28.28
C8A NAP M . 0.22 -1.38 28.19
N7A NAP M . 1.00 -0.34 28.45
C5A NAP M . 2.25 -0.79 28.78
C6A NAP M . 3.52 -0.18 29.21
N6A NAP M . 3.64 1.15 29.34
N1A NAP M . 4.58 -1.00 29.43
C2A NAP M . 4.44 -2.35 29.29
N3A NAP M . 3.30 -2.92 28.92
C4A NAP M . 2.18 -2.21 28.65
O3 NAP M . -3.99 -5.41 23.95
PN NAP M . -4.98 -6.39 23.13
O1N NAP M . -4.83 -7.78 23.68
O2N NAP M . -6.28 -5.68 22.91
O5D NAP M . -4.25 -6.30 21.68
C5D NAP M . -3.02 -7.02 21.47
C4D NAP M . -2.20 -6.44 20.34
O4D NAP M . -2.97 -6.48 19.16
C3D NAP M . -1.82 -5.00 20.55
O3D NAP M . -0.53 -4.66 20.01
C2D NAP M . -2.85 -4.23 19.80
O2D NAP M . -2.39 -2.94 19.45
C1D NAP M . -3.10 -5.15 18.64
N1N NAP M . -4.46 -4.90 18.13
C2N NAP M . -5.51 -5.28 18.85
C3N NAP M . -6.80 -5.04 18.37
C7N NAP M . -7.98 -5.50 19.17
O7N NAP M . -9.00 -5.61 18.54
N7N NAP M . -7.92 -5.80 20.50
C4N NAP M . -6.98 -4.40 17.14
C5N NAP M . -5.86 -4.02 16.41
C6N NAP M . -4.60 -4.30 16.92
P2B NAP M . -0.48 -5.03 31.89
O1X NAP M . -0.23 -3.65 32.42
O2X NAP M . 0.42 -6.14 32.36
O3X NAP M . -1.89 -5.48 31.82
NAA M4V N . -3.52 -2.20 22.38
OAB M4V N . -8.20 -2.76 22.37
BR M4V N . -9.95 1.60 13.36
CAD M4V N . -12.43 -2.00 19.33
CAE M4V N . -11.65 -3.13 19.56
CAF M4V N . -11.83 -0.77 19.15
CAG M4V N . -10.27 -3.04 19.61
CAH M4V N . -10.45 -0.70 19.26
CAI M4V N . -8.02 1.03 15.38
CAJ M4V N . -9.89 -0.41 15.47
CAK M4V N . -7.46 0.37 16.48
CAL M4V N . -9.35 -1.06 16.59
NAM M4V N . -4.80 -1.67 20.51
NAN M4V N . -5.95 -2.50 22.40
NAO M4V N . -6.13 -1.12 18.53
CAP M4V N . -9.20 0.62 14.88
CAQ M4V N . -4.78 -2.15 21.77
CAR M4V N . -8.13 -0.72 17.07
CAS M4V N . -9.65 -1.81 19.50
CAT M4V N . -7.50 -1.22 18.32
CAU M4V N . -8.14 -1.65 19.48
CAV M4V N . -7.17 -2.40 21.76
CAW M4V N . -5.96 -1.58 19.86
CAX M4V N . -7.19 -1.92 20.44
#